data_5XSN
#
_entry.id   5XSN
#
_cell.length_a   54.620
_cell.length_b   117.465
_cell.length_c   126.879
_cell.angle_alpha   90.00
_cell.angle_beta   90.00
_cell.angle_gamma   90.00
#
_symmetry.space_group_name_H-M   'P 21 21 21'
#
loop_
_entity.id
_entity.type
_entity.pdbx_description
1 polymer 'Phosphodiesterase acting on cyclic dinucleotides'
2 non-polymer 'MANGANESE (II) ION'
3 non-polymer "(2R,3R,3aS,5R,7aR,9R,10R,10aS,12R,14aR)-2,9-bis(6-amino-9H-purin-9-yl)octahydro-2H,7H-difuro[3,2-d:3',2'-j][1,3,7,9,2,8 ]tetraoxadiphosphacyclododecine-3,5,10,12-tetrol 5,12-dioxide"
4 water water
#
_entity_poly.entity_id   1
_entity_poly.type   'polypeptide(L)'
_entity_poly.pdbx_seq_one_letter_code
;GSMRTRVRARVISHALKDILAEGDKVIIMGHKRPDLDAIGAAIGVSRFAMMNNLEAYIVLNETDIDPTLRRVMNEIDKKP
ELRERFITSDDAWDMMTSKTTVVIVDTHKPELVLDENVLNKANRKVVIDHHRRGESFISNPLLIYMEPYASSTAELVTEL
LEYQPTEQRLTRLESTVMYAGIIVDTRNFTLRTGSRTFDAASYLRAHGADTILTQHFLKDDVDTYINRSELIRTVKVEDN
GIAIAHGSDDKIYHPVTVAQAADELLSLEGIEASYVVARREDNLIGISARSLGSVNVQLTMEALGGGGHLTNAATQLKGV
TVEEAIAQLQQAITEQLSRSEDA
;
_entity_poly.pdbx_strand_id   A,B
#
loop_
_chem_comp.id
_chem_comp.type
_chem_comp.name
_chem_comp.formula
2BA non-polymer '(2R,3R,3aS,5R,7aR,9R,10R,10aS,12R,14aR)-2,9-bis(6-amino-9H-purin-9-yl)octahydro-2H,7H-difuro[3,2-d:3',2'-j][1,3,7,9,2,8 ]tetraoxadiphosphacyclododecine-3,5,10,12-tetrol 5,12-dioxide' 'C20 H24 N10 O12 P2'
MN non-polymer 'MANGANESE (II) ION' 'Mn 2'
#
# COMPACT_ATOMS: atom_id res chain seq x y z
N VAL A 7 -6.91 -14.56 -23.87
CA VAL A 7 -7.49 -13.42 -23.18
C VAL A 7 -7.86 -12.31 -24.17
N ARG A 8 -8.81 -11.48 -23.75
CA ARG A 8 -9.17 -10.30 -24.53
C ARG A 8 -7.96 -9.40 -24.77
N ALA A 9 -6.97 -9.44 -23.87
CA ALA A 9 -5.89 -8.46 -23.91
C ALA A 9 -4.94 -8.71 -25.08
N ARG A 10 -4.71 -9.96 -25.46
CA ARG A 10 -3.84 -10.26 -26.60
C ARG A 10 -4.43 -9.71 -27.89
N VAL A 11 -5.73 -9.98 -28.12
CA VAL A 11 -6.41 -9.59 -29.34
C VAL A 11 -6.50 -8.06 -29.46
N ILE A 12 -6.78 -7.39 -28.35
CA ILE A 12 -6.90 -5.93 -28.41
C ILE A 12 -5.56 -5.28 -28.66
N SER A 13 -4.49 -5.77 -28.01
CA SER A 13 -3.18 -5.16 -28.21
C SER A 13 -2.77 -5.21 -29.69
N HIS A 14 -2.96 -6.34 -30.35
CA HIS A 14 -2.62 -6.42 -31.76
C HIS A 14 -3.63 -5.67 -32.62
N ALA A 15 -4.91 -5.65 -32.22
CA ALA A 15 -5.89 -4.86 -32.97
C ALA A 15 -5.59 -3.37 -32.85
N LEU A 16 -5.25 -2.93 -31.64
CA LEU A 16 -4.87 -1.53 -31.43
C LEU A 16 -3.65 -1.16 -32.27
N LYS A 17 -2.62 -2.02 -32.28
CA LYS A 17 -1.41 -1.69 -33.03
C LYS A 17 -1.70 -1.48 -34.51
N ASP A 18 -2.63 -2.26 -35.07
CA ASP A 18 -2.98 -2.13 -36.49
C ASP A 18 -3.70 -0.82 -36.74
N ILE A 19 -4.69 -0.50 -35.92
CA ILE A 19 -5.42 0.77 -36.04
C ILE A 19 -4.48 1.96 -35.94
N LEU A 20 -3.55 1.93 -34.99
CA LEU A 20 -2.64 3.05 -34.81
C LEU A 20 -1.66 3.19 -35.96
N ALA A 21 -1.26 2.07 -36.56
CA ALA A 21 -0.31 2.07 -37.67
C ALA A 21 -0.98 2.44 -38.98
N GLU A 22 -2.29 2.23 -39.10
CA GLU A 22 -3.03 2.58 -40.30
C GLU A 22 -3.19 4.10 -40.45
N GLY A 23 -3.28 4.83 -39.33
CA GLY A 23 -3.37 6.27 -39.34
C GLY A 23 -2.02 6.93 -39.53
N ASP A 24 -2.03 8.26 -39.57
CA ASP A 24 -0.79 9.02 -39.81
C ASP A 24 -0.04 9.36 -38.52
N LYS A 25 -0.68 9.24 -37.38
CA LYS A 25 -0.13 9.69 -36.11
C LYS A 25 -1.23 9.45 -35.09
N VAL A 26 -0.85 9.54 -33.81
CA VAL A 26 -1.72 9.23 -32.68
C VAL A 26 -1.78 10.44 -31.76
N ILE A 27 -2.98 10.82 -31.37
CA ILE A 27 -3.18 11.90 -30.39
C ILE A 27 -4.00 11.33 -29.26
N ILE A 28 -3.55 11.55 -28.03
CA ILE A 28 -4.03 10.85 -26.86
C ILE A 28 -4.59 11.85 -25.85
N MET A 29 -5.78 11.58 -25.34
CA MET A 29 -6.47 12.44 -24.40
C MET A 29 -7.11 11.61 -23.31
N GLY A 30 -7.02 12.11 -22.08
CA GLY A 30 -7.82 11.64 -20.98
C GLY A 30 -9.02 12.55 -20.73
N HIS A 31 -9.44 12.62 -19.48
CA HIS A 31 -10.56 13.45 -19.08
C HIS A 31 -10.07 14.81 -18.58
N LYS A 32 -11.02 15.72 -18.37
CA LYS A 32 -10.66 17.05 -17.88
C LYS A 32 -10.11 16.95 -16.45
N ARG A 33 -9.20 17.87 -16.12
CA ARG A 33 -8.47 17.85 -14.85
C ARG A 33 -7.89 16.46 -14.62
N PRO A 34 -6.94 16.03 -15.44
CA PRO A 34 -6.48 14.65 -15.36
C PRO A 34 -5.81 14.34 -14.04
N ASP A 35 -6.02 13.11 -13.58
CA ASP A 35 -5.26 12.57 -12.48
C ASP A 35 -4.15 11.68 -13.03
N LEU A 36 -3.52 10.90 -12.13
CA LEU A 36 -2.35 10.12 -12.52
C LEU A 36 -2.70 8.85 -13.30
N ASP A 37 -3.91 8.32 -13.16
CA ASP A 37 -4.33 7.23 -14.02
C ASP A 37 -4.48 7.70 -15.46
N ALA A 38 -5.17 8.83 -15.66
CA ALA A 38 -5.32 9.41 -16.98
C ALA A 38 -3.95 9.63 -17.63
N ILE A 39 -3.07 10.35 -16.94
CA ILE A 39 -1.77 10.71 -17.47
C ILE A 39 -0.91 9.46 -17.67
N GLY A 40 -0.91 8.56 -16.70
CA GLY A 40 -0.13 7.34 -16.81
C GLY A 40 -0.61 6.44 -17.93
N ALA A 41 -1.94 6.27 -18.04
CA ALA A 41 -2.48 5.53 -19.17
C ALA A 41 -2.09 6.18 -20.50
N ALA A 42 -2.18 7.52 -20.57
CA ALA A 42 -1.84 8.21 -21.80
C ALA A 42 -0.36 8.03 -22.13
N ILE A 43 0.49 8.05 -21.11
CA ILE A 43 1.91 7.77 -21.30
C ILE A 43 2.10 6.35 -21.82
N GLY A 44 1.45 5.38 -21.18
CA GLY A 44 1.51 4.01 -21.64
C GLY A 44 1.10 3.85 -23.09
N VAL A 45 0.06 4.57 -23.52
CA VAL A 45 -0.37 4.48 -24.91
C VAL A 45 0.69 5.06 -25.85
N SER A 46 1.32 6.16 -25.46
CA SER A 46 2.36 6.74 -26.30
C SER A 46 3.56 5.80 -26.42
N ARG A 47 3.93 5.12 -25.33
CA ARG A 47 4.98 4.11 -25.40
C ARG A 47 4.57 2.97 -26.33
N PHE A 48 3.31 2.55 -26.24
CA PHE A 48 2.76 1.57 -27.18
C PHE A 48 3.04 1.97 -28.62
N ALA A 49 2.73 3.23 -28.97
CA ALA A 49 2.98 3.70 -30.33
C ALA A 49 4.47 3.68 -30.66
N MET A 50 5.30 4.30 -29.82
CA MET A 50 6.74 4.29 -30.03
C MET A 50 7.30 2.87 -30.13
N MET A 51 6.73 1.89 -29.42
CA MET A 51 7.23 0.52 -29.55
C MET A 51 7.07 -0.01 -30.97
N ASN A 52 6.15 0.58 -31.74
CA ASN A 52 5.94 0.28 -33.14
C ASN A 52 6.42 1.42 -34.05
N ASN A 53 7.24 2.33 -33.50
CA ASN A 53 7.81 3.46 -34.25
C ASN A 53 6.75 4.34 -34.93
N LEU A 54 5.55 4.37 -34.35
CA LEU A 54 4.54 5.34 -34.70
C LEU A 54 4.76 6.64 -33.92
N GLU A 55 4.08 7.69 -34.36
CA GLU A 55 4.25 9.05 -33.86
C GLU A 55 3.03 9.38 -32.99
N ALA A 56 3.28 9.73 -31.73
CA ALA A 56 2.20 9.87 -30.75
C ALA A 56 2.44 11.12 -29.90
N TYR A 57 1.34 11.73 -29.47
CA TYR A 57 1.36 12.93 -28.62
C TYR A 57 0.24 12.82 -27.60
N ILE A 58 0.42 13.51 -26.50
CA ILE A 58 -0.55 13.60 -25.42
C ILE A 58 -0.98 15.04 -25.28
N VAL A 59 -2.29 15.29 -25.30
CA VAL A 59 -2.82 16.64 -25.17
C VAL A 59 -2.84 17.03 -23.70
N LEU A 60 -2.14 18.11 -23.38
CA LEU A 60 -2.12 18.64 -22.02
C LEU A 60 -1.89 20.14 -22.07
N ASN A 61 -2.80 20.91 -21.48
CA ASN A 61 -2.65 22.37 -21.39
C ASN A 61 -2.27 22.75 -19.96
N GLU A 62 -1.63 23.91 -19.85
CA GLU A 62 -1.19 24.41 -18.55
C GLU A 62 -2.34 24.52 -17.55
N THR A 63 -3.54 24.82 -18.01
CA THR A 63 -4.69 24.95 -17.14
C THR A 63 -5.26 23.60 -16.71
N ASP A 64 -4.76 22.51 -17.27
CA ASP A 64 -5.20 21.17 -16.88
C ASP A 64 -4.40 20.59 -15.72
N ILE A 65 -3.30 21.23 -15.32
CA ILE A 65 -2.27 20.64 -14.48
C ILE A 65 -2.51 21.07 -13.05
N ASP A 66 -3.14 20.21 -12.26
CA ASP A 66 -3.37 20.48 -10.84
C ASP A 66 -2.04 20.30 -10.09
N PRO A 67 -2.02 20.58 -8.78
CA PRO A 67 -0.74 20.47 -8.04
C PRO A 67 -0.10 19.10 -8.04
N THR A 68 -0.88 18.03 -7.90
CA THR A 68 -0.32 16.68 -8.00
C THR A 68 0.34 16.48 -9.36
N LEU A 69 -0.37 16.83 -10.42
CA LEU A 69 0.19 16.66 -11.75
C LEU A 69 1.40 17.55 -11.98
N ARG A 70 1.43 18.73 -11.35
CA ARG A 70 2.57 19.63 -11.50
C ARG A 70 3.86 19.01 -10.96
N ARG A 71 3.77 18.27 -9.85
CA ARG A 71 4.94 17.59 -9.31
C ARG A 71 5.46 16.55 -10.30
N VAL A 72 4.55 15.74 -10.84
CA VAL A 72 4.91 14.77 -11.87
C VAL A 72 5.59 15.47 -13.05
N MET A 73 4.99 16.58 -13.52
CA MET A 73 5.51 17.31 -14.67
C MET A 73 6.87 17.95 -14.39
N ASN A 74 7.11 18.38 -13.15
CA ASN A 74 8.44 18.87 -12.78
C ASN A 74 9.49 17.81 -12.96
N GLU A 75 9.20 16.57 -12.53
CA GLU A 75 10.12 15.48 -12.79
C GLU A 75 10.24 15.20 -14.27
N ILE A 76 9.15 15.40 -15.02
CA ILE A 76 9.20 15.30 -16.46
C ILE A 76 9.91 16.48 -17.12
N ASP A 77 10.14 17.60 -16.44
CA ASP A 77 10.99 18.59 -17.10
C ASP A 77 12.46 18.30 -16.78
N LYS A 78 12.75 18.05 -15.51
CA LYS A 78 14.11 17.99 -15.03
C LYS A 78 14.82 16.75 -15.53
N LYS A 79 14.07 15.68 -15.88
CA LYS A 79 14.72 14.37 -15.99
C LYS A 79 14.38 13.37 -17.14
N PRO A 80 13.52 13.77 -18.06
CA PRO A 80 13.28 12.81 -19.18
C PRO A 80 13.42 13.55 -20.48
N GLU A 81 13.05 12.95 -21.62
CA GLU A 81 12.63 13.68 -22.79
C GLU A 81 11.15 13.49 -23.01
N LEU A 82 10.42 13.17 -21.94
CA LEU A 82 9.02 12.87 -22.04
C LEU A 82 8.22 14.10 -22.41
N ARG A 83 8.75 15.27 -22.07
CA ARG A 83 8.02 16.52 -22.25
C ARG A 83 7.66 16.74 -23.72
N GLU A 84 8.52 16.34 -24.64
CA GLU A 84 8.27 16.58 -26.06
C GLU A 84 6.97 15.94 -26.55
N ARG A 85 6.46 14.91 -25.88
CA ARG A 85 5.25 14.28 -26.40
C ARG A 85 3.99 14.87 -25.81
N PHE A 86 4.09 15.86 -24.93
CA PHE A 86 2.92 16.58 -24.44
C PHE A 86 2.72 17.84 -25.29
N ILE A 87 1.49 18.03 -25.79
CA ILE A 87 1.18 19.17 -26.65
C ILE A 87 -0.13 19.81 -26.21
N THR A 88 -0.26 21.08 -26.54
CA THR A 88 -1.48 21.82 -26.24
C THR A 88 -2.65 21.37 -27.13
N SER A 89 -3.86 21.75 -26.71
CA SER A 89 -5.07 21.56 -27.52
C SER A 89 -4.89 22.14 -28.93
N ASP A 90 -4.37 23.37 -29.03
CA ASP A 90 -4.26 24.01 -30.34
C ASP A 90 -3.27 23.29 -31.23
N ASP A 91 -2.13 22.86 -30.66
CA ASP A 91 -1.16 22.10 -31.45
C ASP A 91 -1.73 20.76 -31.88
N ALA A 92 -2.56 20.15 -31.04
CA ALA A 92 -3.20 18.90 -31.44
C ALA A 92 -4.13 19.12 -32.61
N TRP A 93 -5.00 20.14 -32.51
CA TRP A 93 -5.92 20.48 -33.58
C TRP A 93 -5.18 20.80 -34.88
N ASP A 94 -4.15 21.66 -34.81
CA ASP A 94 -3.45 22.04 -36.04
C ASP A 94 -2.81 20.84 -36.71
N MET A 95 -2.51 19.81 -35.94
CA MET A 95 -1.67 18.70 -36.39
C MET A 95 -2.48 17.55 -36.96
N MET A 96 -3.72 17.39 -36.54
CA MET A 96 -4.45 16.20 -36.90
C MET A 96 -5.08 16.33 -38.28
N THR A 97 -5.18 15.18 -38.95
CA THR A 97 -5.89 15.04 -40.21
C THR A 97 -6.99 14.01 -40.01
N SER A 98 -7.83 13.85 -41.00
CA SER A 98 -8.86 12.81 -40.90
C SER A 98 -8.26 11.42 -40.91
N LYS A 99 -6.94 11.30 -41.05
CA LYS A 99 -6.21 10.04 -40.90
C LYS A 99 -5.60 9.86 -39.50
N THR A 100 -5.81 10.81 -38.57
CA THR A 100 -5.23 10.71 -37.24
C THR A 100 -6.14 9.87 -36.35
N THR A 101 -5.55 9.00 -35.55
CA THR A 101 -6.31 8.27 -34.55
C THR A 101 -6.21 9.00 -33.22
N VAL A 102 -7.36 9.31 -32.63
CA VAL A 102 -7.42 9.85 -31.28
C VAL A 102 -7.76 8.70 -30.34
N VAL A 103 -6.97 8.55 -29.27
CA VAL A 103 -7.19 7.53 -28.25
C VAL A 103 -7.62 8.23 -26.96
N ILE A 104 -8.80 7.85 -26.45
CA ILE A 104 -9.35 8.37 -25.21
C ILE A 104 -9.08 7.38 -24.10
N VAL A 105 -8.37 7.80 -23.06
CA VAL A 105 -8.03 6.93 -21.95
C VAL A 105 -8.76 7.43 -20.69
N ASP A 106 -9.27 6.48 -19.91
CA ASP A 106 -9.73 6.73 -18.56
C ASP A 106 -11.05 7.50 -18.50
N THR A 107 -11.74 7.63 -19.62
CA THR A 107 -13.08 8.17 -19.62
C THR A 107 -13.74 7.65 -20.90
N HIS A 108 -15.06 7.68 -20.92
CA HIS A 108 -15.78 7.35 -22.15
C HIS A 108 -16.88 8.35 -22.52
N LYS A 109 -17.11 9.40 -21.71
CA LYS A 109 -18.13 10.41 -21.98
C LYS A 109 -17.53 11.58 -22.74
N PRO A 110 -18.09 11.95 -23.89
CA PRO A 110 -17.46 12.99 -24.71
C PRO A 110 -17.29 14.32 -23.98
N GLU A 111 -18.21 14.65 -23.07
CA GLU A 111 -18.16 15.94 -22.40
C GLU A 111 -17.20 15.95 -21.21
N LEU A 112 -16.65 14.81 -20.84
CA LEU A 112 -15.56 14.79 -19.88
C LEU A 112 -14.19 14.70 -20.53
N VAL A 113 -14.14 14.51 -21.85
CA VAL A 113 -12.87 14.45 -22.54
C VAL A 113 -12.15 15.78 -22.38
N LEU A 114 -10.81 15.73 -22.35
CA LEU A 114 -10.02 16.91 -22.07
C LEU A 114 -10.28 18.07 -23.04
N ASP A 115 -10.37 17.78 -24.33
CA ASP A 115 -10.69 18.81 -25.32
C ASP A 115 -11.71 18.23 -26.29
N GLU A 116 -12.96 18.70 -26.20
CA GLU A 116 -14.01 18.10 -27.02
C GLU A 116 -13.88 18.50 -28.49
N ASN A 117 -13.22 19.61 -28.79
CA ASN A 117 -13.04 20.01 -30.18
C ASN A 117 -12.06 19.09 -30.89
N VAL A 118 -10.98 18.71 -30.19
CA VAL A 118 -10.06 17.71 -30.74
C VAL A 118 -10.78 16.39 -30.94
N LEU A 119 -11.63 16.01 -29.99
CA LEU A 119 -12.45 14.82 -30.15
C LEU A 119 -13.37 14.94 -31.38
N ASN A 120 -14.03 16.08 -31.57
CA ASN A 120 -15.00 16.20 -32.66
C ASN A 120 -14.31 16.21 -34.02
N LYS A 121 -13.12 16.82 -34.11
CA LYS A 121 -12.38 16.83 -35.36
C LYS A 121 -11.84 15.44 -35.74
N ALA A 122 -11.96 14.45 -34.85
CA ALA A 122 -11.38 13.14 -35.03
C ALA A 122 -12.33 12.21 -35.78
N ASN A 123 -11.84 11.64 -36.89
CA ASN A 123 -12.56 10.60 -37.60
C ASN A 123 -12.29 9.21 -37.01
N ARG A 124 -11.07 8.96 -36.53
CA ARG A 124 -10.67 7.66 -35.97
C ARG A 124 -10.51 7.78 -34.45
N LYS A 125 -11.36 7.09 -33.70
CA LYS A 125 -11.39 7.18 -32.25
C LYS A 125 -11.20 5.79 -31.62
N VAL A 126 -10.54 5.76 -30.46
CA VAL A 126 -10.34 4.55 -29.67
C VAL A 126 -10.60 4.87 -28.19
N VAL A 127 -11.35 4.02 -27.52
CA VAL A 127 -11.75 4.24 -26.14
C VAL A 127 -11.16 3.13 -25.29
N ILE A 128 -10.40 3.51 -24.26
CA ILE A 128 -9.90 2.58 -23.26
C ILE A 128 -10.28 3.10 -21.88
N ASP A 129 -11.03 2.32 -21.13
CA ASP A 129 -11.54 2.81 -19.85
C ASP A 129 -11.89 1.62 -18.98
N HIS A 130 -11.96 1.86 -17.67
CA HIS A 130 -12.18 0.79 -16.72
C HIS A 130 -13.43 1.06 -15.89
N HIS A 131 -14.33 1.87 -16.40
CA HIS A 131 -15.56 2.23 -15.71
C HIS A 131 -16.75 1.58 -16.40
N ARG A 132 -17.89 1.67 -15.74
CA ARG A 132 -19.14 1.17 -16.31
C ARG A 132 -19.61 2.11 -17.43
N ARG A 133 -19.87 1.55 -18.62
CA ARG A 133 -20.41 2.35 -19.70
C ARG A 133 -21.72 3.03 -19.28
N GLY A 134 -21.80 4.35 -19.52
CA GLY A 134 -22.91 5.15 -19.08
C GLY A 134 -23.79 5.62 -20.23
N GLU A 135 -24.54 6.69 -19.96
CA GLU A 135 -25.46 7.27 -20.93
C GLU A 135 -24.73 7.62 -22.22
N SER A 136 -24.01 8.73 -22.18
CA SER A 136 -23.24 9.18 -23.32
C SER A 136 -22.02 8.29 -23.55
N PHE A 137 -21.56 8.28 -24.79
CA PHE A 137 -20.41 7.49 -25.16
C PHE A 137 -19.74 8.15 -26.35
N ILE A 138 -18.43 7.97 -26.45
CA ILE A 138 -17.71 8.41 -27.64
C ILE A 138 -18.39 7.79 -28.84
N SER A 139 -18.63 8.61 -29.86
CA SER A 139 -19.41 8.21 -31.03
C SER A 139 -18.54 7.53 -32.07
N ASN A 140 -19.10 6.49 -32.70
CA ASN A 140 -18.47 5.72 -33.77
C ASN A 140 -16.98 5.42 -33.53
N PRO A 141 -16.63 4.80 -32.40
CA PRO A 141 -15.23 4.44 -32.17
C PRO A 141 -14.84 3.21 -32.97
N LEU A 142 -13.57 3.20 -33.41
CA LEU A 142 -13.02 2.04 -34.11
C LEU A 142 -12.74 0.85 -33.21
N LEU A 143 -12.60 1.07 -31.91
CA LEU A 143 -12.24 -0.01 -30.98
C LEU A 143 -12.63 0.43 -29.58
N ILE A 144 -13.27 -0.47 -28.83
CA ILE A 144 -13.76 -0.18 -27.50
C ILE A 144 -13.20 -1.21 -26.55
N TYR A 145 -12.42 -0.75 -25.56
CA TYR A 145 -11.84 -1.59 -24.53
C TYR A 145 -12.34 -1.11 -23.17
N MET A 146 -13.47 -1.65 -22.73
CA MET A 146 -14.10 -1.31 -21.46
C MET A 146 -13.99 -2.50 -20.52
N GLU A 147 -13.33 -2.32 -19.38
CA GLU A 147 -13.18 -3.39 -18.40
C GLU A 147 -13.59 -2.86 -17.04
N PRO A 148 -14.87 -3.00 -16.68
CA PRO A 148 -15.38 -2.35 -15.46
C PRO A 148 -14.73 -2.83 -14.16
N TYR A 149 -14.00 -3.95 -14.14
CA TYR A 149 -13.40 -4.42 -12.88
C TYR A 149 -11.90 -4.27 -12.79
N ALA A 150 -11.21 -3.89 -13.86
CA ALA A 150 -9.80 -3.57 -13.74
C ALA A 150 -9.65 -2.43 -12.73
N SER A 151 -8.51 -2.41 -12.05
CA SER A 151 -8.26 -1.38 -11.03
C SER A 151 -8.26 0.02 -11.61
N SER A 152 -7.91 0.17 -12.89
CA SER A 152 -7.47 1.44 -13.44
C SER A 152 -7.23 1.27 -14.93
N THR A 153 -7.15 2.39 -15.63
CA THR A 153 -6.81 2.33 -17.04
C THR A 153 -5.34 2.03 -17.24
N ALA A 154 -4.50 2.48 -16.29
CA ALA A 154 -3.08 2.15 -16.34
C ALA A 154 -2.86 0.64 -16.33
N GLU A 155 -3.65 -0.09 -15.53
CA GLU A 155 -3.54 -1.54 -15.52
C GLU A 155 -3.86 -2.12 -16.91
N LEU A 156 -4.96 -1.64 -17.52
CA LEU A 156 -5.37 -2.15 -18.83
C LEU A 156 -4.30 -1.90 -19.89
N VAL A 157 -3.73 -0.69 -19.88
CA VAL A 157 -2.72 -0.35 -20.89
C VAL A 157 -1.43 -1.13 -20.63
N THR A 158 -1.10 -1.37 -19.37
CA THR A 158 0.10 -2.15 -19.06
C THR A 158 0.01 -3.56 -19.66
N GLU A 159 -1.16 -4.18 -19.61
CA GLU A 159 -1.34 -5.50 -20.20
C GLU A 159 -1.13 -5.47 -21.71
N LEU A 160 -1.62 -4.43 -22.38
CA LEU A 160 -1.44 -4.33 -23.84
C LEU A 160 0.03 -4.23 -24.22
N LEU A 161 0.85 -3.55 -23.42
CA LEU A 161 2.27 -3.38 -23.72
C LEU A 161 3.01 -4.72 -23.81
N GLU A 162 2.55 -5.73 -23.05
CA GLU A 162 3.33 -6.97 -22.93
C GLU A 162 3.48 -7.68 -24.26
N TYR A 163 2.50 -7.53 -25.16
CA TYR A 163 2.44 -8.21 -26.44
C TYR A 163 3.17 -7.47 -27.55
N GLN A 164 3.69 -6.28 -27.28
CA GLN A 164 4.28 -5.45 -28.31
C GLN A 164 5.79 -5.64 -28.33
N PRO A 165 6.44 -5.31 -29.46
CA PRO A 165 7.90 -5.50 -29.56
C PRO A 165 8.62 -4.77 -28.43
N THR A 166 9.64 -5.43 -27.88
CA THR A 166 10.26 -5.02 -26.62
C THR A 166 11.50 -4.14 -26.79
N GLU A 167 11.86 -3.76 -28.00
CA GLU A 167 13.15 -3.10 -28.18
C GLU A 167 13.12 -1.66 -27.64
N GLN A 168 12.07 -0.89 -27.96
CA GLN A 168 11.89 0.45 -27.39
C GLN A 168 11.13 0.31 -26.07
N ARG A 169 11.85 -0.03 -25.01
CA ARG A 169 11.24 -0.46 -23.76
C ARG A 169 10.66 0.71 -22.98
N LEU A 170 9.63 0.41 -22.19
CA LEU A 170 9.08 1.39 -21.27
C LEU A 170 10.17 1.93 -20.35
N THR A 171 10.23 3.25 -20.17
CA THR A 171 11.30 3.79 -19.34
C THR A 171 10.93 3.77 -17.86
N ARG A 172 11.95 4.05 -17.05
CA ARG A 172 11.79 4.13 -15.60
C ARG A 172 10.74 5.17 -15.21
N LEU A 173 10.88 6.41 -15.71
CA LEU A 173 9.92 7.44 -15.33
C LEU A 173 8.54 7.18 -15.90
N GLU A 174 8.46 6.64 -17.13
CA GLU A 174 7.15 6.29 -17.70
C GLU A 174 6.42 5.26 -16.82
N SER A 175 7.10 4.18 -16.46
CA SER A 175 6.44 3.15 -15.65
C SER A 175 6.17 3.65 -14.24
N THR A 176 6.94 4.62 -13.75
CA THR A 176 6.64 5.20 -12.44
C THR A 176 5.32 5.94 -12.44
N VAL A 177 5.07 6.78 -13.45
CA VAL A 177 3.79 7.47 -13.55
C VAL A 177 2.65 6.46 -13.71
N MET A 178 2.80 5.50 -14.63
CA MET A 178 1.78 4.46 -14.76
C MET A 178 1.55 3.75 -13.43
N TYR A 179 2.62 3.40 -12.73
CA TYR A 179 2.49 2.80 -11.42
C TYR A 179 1.74 3.75 -10.46
N ALA A 180 2.06 5.05 -10.52
CA ALA A 180 1.40 5.98 -9.61
C ALA A 180 -0.10 6.03 -9.84
N GLY A 181 -0.52 5.89 -11.11
CA GLY A 181 -1.94 5.90 -11.42
C GLY A 181 -2.65 4.70 -10.85
N ILE A 182 -1.98 3.55 -10.84
CA ILE A 182 -2.57 2.38 -10.20
C ILE A 182 -2.69 2.61 -8.70
N ILE A 183 -1.64 3.18 -8.08
CA ILE A 183 -1.63 3.43 -6.64
C ILE A 183 -2.82 4.31 -6.23
N VAL A 184 -3.05 5.40 -6.95
CA VAL A 184 -4.15 6.31 -6.62
C VAL A 184 -5.49 5.60 -6.75
N ASP A 185 -5.71 4.89 -7.86
CA ASP A 185 -7.01 4.27 -8.12
C ASP A 185 -7.32 3.10 -7.18
N THR A 186 -6.29 2.43 -6.63
CA THR A 186 -6.50 1.31 -5.72
C THR A 186 -6.34 1.69 -4.26
N ARG A 187 -6.04 2.95 -3.97
CA ARG A 187 -5.48 3.39 -2.69
C ARG A 187 -4.49 2.38 -2.17
N ASN A 188 -3.36 2.24 -2.85
CA ASN A 188 -2.30 1.33 -2.43
C ASN A 188 -2.83 -0.09 -2.27
N PHE A 189 -3.47 -0.57 -3.32
CA PHE A 189 -3.78 -2.00 -3.45
C PHE A 189 -4.82 -2.46 -2.42
N THR A 190 -5.68 -1.57 -1.97
CA THR A 190 -6.75 -1.93 -1.05
C THR A 190 -8.12 -1.96 -1.71
N LEU A 191 -8.27 -1.40 -2.92
CA LEU A 191 -9.53 -1.39 -3.65
C LEU A 191 -9.33 -1.89 -5.07
N ARG A 192 -10.29 -2.68 -5.56
CA ARG A 192 -10.33 -3.09 -6.97
C ARG A 192 -9.00 -3.69 -7.41
N THR A 193 -8.37 -4.44 -6.51
CA THR A 193 -7.04 -5.00 -6.76
C THR A 193 -7.22 -6.50 -6.91
N GLY A 194 -7.08 -6.99 -8.14
CA GLY A 194 -7.04 -8.38 -8.43
C GLY A 194 -5.63 -8.85 -8.73
N SER A 195 -5.53 -10.11 -9.15
CA SER A 195 -4.21 -10.63 -9.46
C SER A 195 -3.63 -9.96 -10.71
N ARG A 196 -4.48 -9.61 -11.67
CA ARG A 196 -3.99 -8.88 -12.84
C ARG A 196 -3.50 -7.48 -12.46
N THR A 197 -4.04 -6.88 -11.39
CA THR A 197 -3.51 -5.61 -10.90
C THR A 197 -2.05 -5.75 -10.46
N PHE A 198 -1.75 -6.81 -9.70
CA PHE A 198 -0.37 -7.08 -9.29
C PHE A 198 0.51 -7.51 -10.46
N ASP A 199 -0.04 -8.19 -11.48
CA ASP A 199 0.74 -8.53 -12.67
C ASP A 199 1.21 -7.28 -13.39
N ALA A 200 0.35 -6.26 -13.48
CA ALA A 200 0.74 -4.99 -14.06
C ALA A 200 1.79 -4.28 -13.19
N ALA A 201 1.59 -4.28 -11.86
CA ALA A 201 2.58 -3.72 -10.96
C ALA A 201 3.94 -4.43 -11.10
N SER A 202 3.92 -5.73 -11.32
CA SER A 202 5.16 -6.48 -11.52
C SER A 202 5.87 -6.01 -12.79
N TYR A 203 5.13 -5.88 -13.89
CA TYR A 203 5.73 -5.42 -15.13
C TYR A 203 6.31 -4.02 -14.95
N LEU A 204 5.57 -3.13 -14.29
CA LEU A 204 6.05 -1.77 -14.15
C LEU A 204 7.28 -1.70 -13.25
N ARG A 205 7.27 -2.42 -12.11
CA ARG A 205 8.43 -2.45 -11.23
C ARG A 205 9.65 -3.08 -11.92
N ALA A 206 9.43 -4.09 -12.76
CA ALA A 206 10.50 -4.67 -13.56
C ALA A 206 11.08 -3.65 -14.54
N HIS A 207 10.27 -2.70 -15.01
CA HIS A 207 10.78 -1.67 -15.89
C HIS A 207 11.19 -0.42 -15.13
N GLY A 208 11.41 -0.52 -13.83
CA GLY A 208 12.02 0.54 -13.07
C GLY A 208 11.10 1.46 -12.30
N ALA A 209 9.80 1.15 -12.21
CA ALA A 209 8.87 1.99 -11.49
C ALA A 209 9.41 2.27 -10.09
N ASP A 210 9.44 3.54 -9.72
CA ASP A 210 10.06 4.02 -8.51
C ASP A 210 8.95 4.29 -7.48
N THR A 211 8.90 3.45 -6.43
CA THR A 211 7.88 3.63 -5.39
C THR A 211 8.19 4.81 -4.48
N ILE A 212 9.46 5.17 -4.32
CA ILE A 212 9.78 6.31 -3.48
C ILE A 212 9.35 7.60 -4.17
N LEU A 213 9.60 7.67 -5.49
CA LEU A 213 9.14 8.82 -6.26
C LEU A 213 7.62 8.86 -6.29
N THR A 214 6.97 7.70 -6.36
CA THR A 214 5.51 7.64 -6.32
C THR A 214 4.94 8.18 -5.02
N GLN A 215 5.54 7.80 -3.88
CA GLN A 215 5.15 8.40 -2.61
C GLN A 215 5.34 9.91 -2.64
N HIS A 216 6.40 10.38 -3.30
CA HIS A 216 6.68 11.80 -3.34
C HIS A 216 5.56 12.55 -4.05
N PHE A 217 5.10 12.03 -5.19
CA PHE A 217 4.01 12.65 -5.93
C PHE A 217 2.76 12.86 -5.07
N LEU A 218 2.55 12.02 -4.07
CA LEU A 218 1.25 11.89 -3.40
C LEU A 218 1.22 12.40 -1.96
N LYS A 219 2.28 13.01 -1.46
CA LYS A 219 2.34 13.30 -0.02
C LYS A 219 1.34 14.41 0.34
N ASP A 220 0.62 14.20 1.44
CA ASP A 220 -0.31 15.21 1.96
C ASP A 220 0.46 16.30 2.68
N ASP A 221 -0.10 17.51 2.68
CA ASP A 221 0.61 18.55 3.41
C ASP A 221 0.26 18.51 4.90
N VAL A 222 1.03 19.29 5.68
CA VAL A 222 0.91 19.25 7.13
C VAL A 222 -0.47 19.73 7.60
N ASP A 223 -1.02 20.77 6.97
CA ASP A 223 -2.30 21.31 7.41
C ASP A 223 -3.42 20.30 7.25
N THR A 224 -3.36 19.52 6.16
CA THR A 224 -4.39 18.51 5.96
C THR A 224 -4.31 17.43 7.02
N TYR A 225 -3.09 17.01 7.39
CA TYR A 225 -2.97 16.06 8.48
C TYR A 225 -3.52 16.64 9.77
N ILE A 226 -3.15 17.89 10.09
CA ILE A 226 -3.62 18.51 11.33
C ILE A 226 -5.14 18.59 11.34
N ASN A 227 -5.72 19.16 10.29
CA ASN A 227 -7.17 19.26 10.20
C ASN A 227 -7.83 17.89 10.21
N ARG A 228 -7.26 16.94 9.46
CA ARG A 228 -7.85 15.60 9.44
C ARG A 228 -7.82 14.95 10.82
N SER A 229 -6.71 15.09 11.54
CA SER A 229 -6.62 14.43 12.84
C SER A 229 -7.42 15.16 13.90
N GLU A 230 -7.69 16.45 13.69
CA GLU A 230 -8.63 17.18 14.53
C GLU A 230 -10.02 16.54 14.51
N LEU A 231 -10.43 16.03 13.35
CA LEU A 231 -11.69 15.31 13.26
C LEU A 231 -11.60 13.90 13.89
N ILE A 232 -10.48 13.20 13.64
CA ILE A 232 -10.35 11.81 14.08
C ILE A 232 -10.33 11.71 15.61
N ARG A 233 -9.70 12.68 16.29
CA ARG A 233 -9.62 12.65 17.74
C ARG A 233 -10.97 12.55 18.42
N THR A 234 -12.05 13.00 17.76
CA THR A 234 -13.34 13.05 18.43
C THR A 234 -14.09 11.72 18.40
N VAL A 235 -13.57 10.69 17.74
CA VAL A 235 -14.38 9.53 17.42
C VAL A 235 -14.89 8.81 18.67
N LYS A 236 -16.12 8.32 18.60
CA LYS A 236 -16.70 7.40 19.57
C LYS A 236 -17.06 6.11 18.85
N VAL A 237 -16.48 5.01 19.30
CA VAL A 237 -16.68 3.70 18.70
C VAL A 237 -17.69 2.93 19.54
N GLU A 238 -18.73 2.42 18.89
CA GLU A 238 -19.64 1.53 19.58
C GLU A 238 -19.18 0.08 19.43
N ASP A 239 -19.65 -0.77 20.34
CA ASP A 239 -19.26 -2.18 20.34
C ASP A 239 -19.67 -2.87 19.06
N ASN A 240 -20.69 -2.36 18.37
CA ASN A 240 -21.07 -2.89 17.05
C ASN A 240 -20.18 -2.36 15.93
N GLY A 241 -19.14 -1.58 16.23
CA GLY A 241 -18.23 -1.10 15.21
C GLY A 241 -18.67 0.15 14.48
N ILE A 242 -19.73 0.81 14.94
CA ILE A 242 -20.16 2.10 14.41
C ILE A 242 -19.33 3.17 15.11
N ALA A 243 -18.59 3.94 14.33
CA ALA A 243 -17.78 5.04 14.82
C ALA A 243 -18.32 6.35 14.26
N ILE A 244 -18.47 7.34 15.12
CA ILE A 244 -18.90 8.68 14.73
C ILE A 244 -17.91 9.71 15.22
N ALA A 245 -17.50 10.62 14.33
CA ALA A 245 -16.62 11.72 14.67
C ALA A 245 -17.22 13.01 14.12
N HIS A 246 -16.79 14.14 14.68
CA HIS A 246 -17.42 15.37 14.27
C HIS A 246 -16.54 16.56 14.58
N GLY A 247 -16.66 17.58 13.75
CA GLY A 247 -16.09 18.86 14.05
C GLY A 247 -17.01 19.70 14.93
N SER A 248 -16.41 20.69 15.58
CA SER A 248 -17.21 21.70 16.25
C SER A 248 -18.20 22.35 15.27
N ASP A 249 -19.31 22.83 15.82
CA ASP A 249 -20.35 23.47 15.00
C ASP A 249 -19.90 24.82 14.42
N ASP A 250 -18.91 25.47 15.04
CA ASP A 250 -18.46 26.79 14.62
C ASP A 250 -17.23 26.77 13.73
N LYS A 251 -16.75 25.60 13.31
CA LYS A 251 -15.54 25.51 12.48
C LYS A 251 -15.87 24.82 11.16
N ILE A 252 -15.51 25.47 10.05
CA ILE A 252 -15.78 24.96 8.72
C ILE A 252 -14.60 24.11 8.26
N TYR A 253 -14.85 22.85 7.94
CA TYR A 253 -13.84 21.95 7.41
C TYR A 253 -13.98 21.82 5.90
N HIS A 254 -12.85 21.61 5.25
CA HIS A 254 -12.84 21.36 3.83
C HIS A 254 -13.45 19.99 3.53
N PRO A 255 -14.27 19.87 2.48
CA PRO A 255 -14.97 18.59 2.22
C PRO A 255 -14.06 17.38 2.02
N VAL A 256 -12.85 17.57 1.48
CA VAL A 256 -11.98 16.41 1.29
C VAL A 256 -11.35 15.98 2.61
N THR A 257 -10.97 16.93 3.46
CA THR A 257 -10.53 16.64 4.82
C THR A 257 -11.53 15.77 5.57
N VAL A 258 -12.82 16.10 5.48
CA VAL A 258 -13.86 15.28 6.09
C VAL A 258 -13.86 13.89 5.49
N ALA A 259 -13.79 13.80 4.17
CA ALA A 259 -13.80 12.50 3.51
C ALA A 259 -12.61 11.67 3.91
N GLN A 260 -11.45 12.31 4.06
CA GLN A 260 -10.22 11.61 4.42
C GLN A 260 -10.25 11.19 5.89
N ALA A 261 -10.83 12.02 6.75
CA ALA A 261 -11.09 11.61 8.13
C ALA A 261 -11.86 10.30 8.17
N ALA A 262 -12.92 10.19 7.35
CA ALA A 262 -13.73 8.98 7.37
C ALA A 262 -12.97 7.80 6.82
N ASP A 263 -12.16 8.02 5.77
CA ASP A 263 -11.34 6.93 5.22
C ASP A 263 -10.40 6.39 6.27
N GLU A 264 -9.71 7.30 6.97
CA GLU A 264 -8.63 6.90 7.88
C GLU A 264 -9.15 6.20 9.11
N LEU A 265 -10.38 6.49 9.54
CA LEU A 265 -10.93 5.81 10.72
C LEU A 265 -11.11 4.32 10.49
N LEU A 266 -11.23 3.89 9.23
CA LEU A 266 -11.32 2.46 8.94
C LEU A 266 -10.01 1.72 9.22
N SER A 267 -8.91 2.43 9.41
CA SER A 267 -7.67 1.76 9.76
C SER A 267 -7.52 1.57 11.27
N LEU A 268 -8.54 1.87 12.06
CA LEU A 268 -8.44 1.78 13.51
C LEU A 268 -9.26 0.62 14.05
N GLU A 269 -8.74 0.02 15.11
CA GLU A 269 -9.36 -1.15 15.72
C GLU A 269 -10.80 -0.89 16.13
N GLY A 270 -11.68 -1.81 15.78
CA GLY A 270 -13.06 -1.81 16.25
C GLY A 270 -14.02 -1.06 15.37
N ILE A 271 -13.55 -0.44 14.30
CA ILE A 271 -14.40 0.40 13.46
C ILE A 271 -14.73 -0.37 12.19
N GLU A 272 -15.98 -0.78 12.07
CA GLU A 272 -16.54 -1.36 10.86
C GLU A 272 -17.04 -0.28 9.89
N ALA A 273 -17.61 0.79 10.41
CA ALA A 273 -18.17 1.85 9.60
C ALA A 273 -17.90 3.18 10.29
N SER A 274 -17.56 4.19 9.52
CA SER A 274 -17.25 5.50 10.06
C SER A 274 -18.21 6.55 9.51
N TYR A 275 -18.55 7.51 10.36
CA TYR A 275 -19.36 8.67 10.00
C TYR A 275 -18.69 9.90 10.58
N VAL A 276 -18.34 10.85 9.72
CA VAL A 276 -17.71 12.09 10.12
C VAL A 276 -18.66 13.22 9.79
N VAL A 277 -19.00 14.02 10.80
CA VAL A 277 -20.02 15.05 10.71
C VAL A 277 -19.35 16.39 10.95
N ALA A 278 -19.41 17.28 9.97
CA ALA A 278 -18.66 18.53 10.08
C ALA A 278 -19.31 19.61 9.25
N ARG A 279 -19.21 20.85 9.73
CA ARG A 279 -19.85 21.94 9.03
C ARG A 279 -19.09 22.23 7.76
N ARG A 280 -19.83 22.38 6.67
CA ARG A 280 -19.29 22.68 5.36
C ARG A 280 -19.54 24.11 4.93
N GLU A 281 -20.65 24.72 5.36
CA GLU A 281 -21.03 26.10 5.05
C GLU A 281 -21.75 26.69 6.26
N ASP A 282 -22.02 27.99 6.21
CA ASP A 282 -22.74 28.64 7.30
C ASP A 282 -24.15 28.08 7.49
N ASN A 283 -24.69 27.36 6.48
CA ASN A 283 -25.97 26.68 6.62
C ASN A 283 -25.97 25.27 5.99
N LEU A 284 -24.85 24.56 6.03
CA LEU A 284 -24.80 23.22 5.46
C LEU A 284 -23.83 22.34 6.26
N ILE A 285 -24.31 21.17 6.69
CA ILE A 285 -23.50 20.18 7.40
C ILE A 285 -23.19 19.04 6.44
N GLY A 286 -21.93 18.64 6.38
CA GLY A 286 -21.53 17.46 5.61
C GLY A 286 -21.35 16.25 6.51
N ILE A 287 -21.69 15.08 5.99
CA ILE A 287 -21.41 13.80 6.61
C ILE A 287 -20.77 12.91 5.57
N SER A 288 -19.54 12.45 5.82
CA SER A 288 -18.90 11.42 5.02
C SER A 288 -18.97 10.09 5.74
N ALA A 289 -19.37 9.03 5.01
CA ALA A 289 -19.51 7.70 5.60
C ALA A 289 -18.71 6.69 4.79
N ARG A 290 -18.14 5.70 5.51
CA ARG A 290 -17.27 4.70 4.92
C ARG A 290 -17.41 3.42 5.72
N SER A 291 -17.10 2.30 5.08
CA SER A 291 -17.17 1.03 5.80
C SER A 291 -16.30 0.00 5.10
N LEU A 292 -15.94 -1.02 5.86
CA LEU A 292 -15.20 -2.15 5.33
C LEU A 292 -16.11 -3.21 4.69
N GLY A 293 -17.32 -2.81 4.28
CA GLY A 293 -18.21 -3.68 3.53
C GLY A 293 -19.22 -4.47 4.32
N SER A 294 -19.18 -4.41 5.65
CA SER A 294 -20.13 -5.16 6.45
C SER A 294 -21.33 -4.35 6.92
N VAL A 295 -21.16 -3.04 7.05
CA VAL A 295 -22.26 -2.12 7.30
C VAL A 295 -22.47 -1.33 6.02
N ASN A 296 -23.72 -1.21 5.60
CA ASN A 296 -24.04 -0.57 4.32
C ASN A 296 -24.28 0.91 4.60
N VAL A 297 -23.28 1.74 4.33
CA VAL A 297 -23.41 3.18 4.59
C VAL A 297 -24.15 3.90 3.48
N GLN A 298 -24.42 3.22 2.36
CA GLN A 298 -25.31 3.80 1.36
C GLN A 298 -26.74 3.90 1.89
N LEU A 299 -27.19 2.87 2.61
CA LEU A 299 -28.52 2.90 3.21
C LEU A 299 -28.60 3.98 4.30
N THR A 300 -27.57 4.10 5.13
CA THR A 300 -27.58 5.14 6.17
C THR A 300 -27.71 6.52 5.56
N MET A 301 -26.92 6.81 4.53
CA MET A 301 -26.94 8.15 3.95
C MET A 301 -28.17 8.38 3.07
N GLU A 302 -28.72 7.31 2.49
CA GLU A 302 -29.99 7.46 1.75
C GLU A 302 -31.11 7.83 2.71
N ALA A 303 -31.11 7.28 3.93
CA ALA A 303 -32.08 7.64 4.95
C ALA A 303 -31.99 9.10 5.37
N LEU A 304 -30.94 9.82 4.96
CA LEU A 304 -30.78 11.23 5.30
C LEU A 304 -30.63 12.09 4.05
N GLY A 305 -31.12 11.62 2.91
CA GLY A 305 -31.18 12.45 1.73
C GLY A 305 -29.91 12.48 0.88
N GLY A 306 -28.96 11.57 1.13
CA GLY A 306 -27.77 11.45 0.30
C GLY A 306 -27.71 10.09 -0.38
N GLY A 307 -26.51 9.57 -0.60
CA GLY A 307 -26.39 8.22 -1.14
C GLY A 307 -24.94 7.89 -1.48
N GLY A 308 -24.78 6.94 -2.40
CA GLY A 308 -23.46 6.47 -2.81
C GLY A 308 -23.41 4.96 -2.90
N HIS A 309 -22.34 4.36 -2.41
CA HIS A 309 -22.13 2.93 -2.54
C HIS A 309 -22.03 2.30 -1.16
N LEU A 310 -22.08 0.97 -1.10
CA LEU A 310 -22.17 0.30 0.19
C LEU A 310 -21.01 0.66 1.11
N THR A 311 -19.82 0.92 0.57
CA THR A 311 -18.66 1.23 1.40
C THR A 311 -18.31 2.71 1.41
N ASN A 312 -19.05 3.56 0.68
CA ASN A 312 -18.60 4.91 0.37
C ASN A 312 -19.83 5.76 0.07
N ALA A 313 -20.21 6.64 0.98
CA ALA A 313 -21.43 7.41 0.81
C ALA A 313 -21.31 8.75 1.54
N ALA A 314 -22.32 9.61 1.36
CA ALA A 314 -22.34 10.90 2.03
C ALA A 314 -23.71 11.56 1.86
N THR A 315 -23.87 12.67 2.58
CA THR A 315 -25.06 13.51 2.49
C THR A 315 -24.69 14.88 3.02
N GLN A 316 -25.51 15.86 2.67
CA GLN A 316 -25.38 17.24 3.15
C GLN A 316 -26.73 17.67 3.71
N LEU A 317 -26.71 18.37 4.83
CA LEU A 317 -27.94 18.70 5.55
C LEU A 317 -28.07 20.21 5.67
N LYS A 318 -29.16 20.76 5.14
CA LYS A 318 -29.46 22.18 5.24
C LYS A 318 -29.99 22.57 6.62
N GLY A 319 -29.45 23.65 7.18
CA GLY A 319 -30.11 24.33 8.29
C GLY A 319 -30.02 23.70 9.66
N VAL A 320 -29.09 22.76 9.86
CA VAL A 320 -28.93 22.09 11.14
C VAL A 320 -27.56 22.39 11.72
N THR A 321 -27.48 22.25 13.04
CA THR A 321 -26.21 22.23 13.76
C THR A 321 -25.59 20.83 13.66
N VAL A 322 -24.28 20.78 13.87
CA VAL A 322 -23.58 19.50 13.96
C VAL A 322 -24.30 18.53 14.89
N GLU A 323 -24.76 19.03 16.06
CA GLU A 323 -25.42 18.16 17.04
C GLU A 323 -26.75 17.64 16.51
N GLU A 324 -27.54 18.51 15.87
CA GLU A 324 -28.77 18.06 15.21
C GLU A 324 -28.46 17.05 14.12
N ALA A 325 -27.39 17.29 13.35
CA ALA A 325 -27.01 16.33 12.32
C ALA A 325 -26.61 14.99 12.95
N ILE A 326 -25.93 15.03 14.10
CA ILE A 326 -25.52 13.79 14.74
C ILE A 326 -26.74 13.02 15.22
N ALA A 327 -27.70 13.73 15.84
CA ALA A 327 -28.94 13.10 16.30
C ALA A 327 -29.69 12.41 15.15
N GLN A 328 -29.87 13.10 14.02
CA GLN A 328 -30.53 12.47 12.89
C GLN A 328 -29.73 11.28 12.38
N LEU A 329 -28.41 11.42 12.38
CA LEU A 329 -27.57 10.31 11.95
C LEU A 329 -27.78 9.08 12.84
N GLN A 330 -27.83 9.29 14.16
CA GLN A 330 -27.98 8.16 15.07
C GLN A 330 -29.36 7.55 15.00
N GLN A 331 -30.40 8.39 14.81
CA GLN A 331 -31.75 7.91 14.55
C GLN A 331 -31.78 6.99 13.32
N ALA A 332 -31.09 7.38 12.25
CA ALA A 332 -31.02 6.52 11.06
C ALA A 332 -30.28 5.21 11.35
N ILE A 333 -29.27 5.25 12.23
CA ILE A 333 -28.44 4.07 12.46
C ILE A 333 -29.18 3.04 13.33
N THR A 334 -29.79 3.48 14.44
CA THR A 334 -30.52 2.51 15.27
C THR A 334 -31.65 1.88 14.48
N GLU A 335 -32.32 2.66 13.63
CA GLU A 335 -33.37 2.12 12.79
C GLU A 335 -32.82 1.08 11.82
N GLN A 336 -31.63 1.31 11.25
CA GLN A 336 -31.08 0.37 10.27
C GLN A 336 -30.39 -0.83 10.93
N LEU A 337 -29.76 -0.66 12.09
CA LEU A 337 -29.02 -1.75 12.73
C LEU A 337 -29.77 -2.38 13.90
N SER A 338 -31.10 -2.34 13.92
CA SER A 338 -31.79 -2.72 15.14
C SER A 338 -31.88 -4.23 15.39
N ARG A 339 -31.49 -5.07 14.42
CA ARG A 339 -31.49 -6.52 14.65
C ARG A 339 -30.15 -7.14 14.23
N VAL B 7 13.64 -20.43 -13.05
CA VAL B 7 14.45 -21.66 -13.13
C VAL B 7 14.99 -22.03 -11.74
N ARG B 8 15.52 -21.05 -11.00
CA ARG B 8 16.12 -21.33 -9.70
C ARG B 8 15.08 -21.83 -8.71
N ALA B 9 13.94 -21.13 -8.60
CA ALA B 9 12.90 -21.58 -7.69
C ALA B 9 12.33 -22.92 -8.08
N ARG B 10 12.30 -23.24 -9.38
CA ARG B 10 11.84 -24.55 -9.82
C ARG B 10 12.77 -25.65 -9.32
N VAL B 11 14.08 -25.43 -9.43
CA VAL B 11 15.04 -26.39 -8.89
C VAL B 11 14.90 -26.50 -7.38
N ILE B 12 14.79 -25.37 -6.69
CA ILE B 12 14.68 -25.39 -5.23
C ILE B 12 13.38 -26.07 -4.80
N SER B 13 12.29 -25.80 -5.50
CA SER B 13 11.00 -26.37 -5.13
C SER B 13 11.04 -27.90 -5.15
N HIS B 14 11.57 -28.48 -6.24
CA HIS B 14 11.54 -29.93 -6.38
C HIS B 14 12.52 -30.61 -5.43
N ALA B 15 13.68 -29.98 -5.22
CA ALA B 15 14.64 -30.49 -4.25
C ALA B 15 14.05 -30.49 -2.84
N LEU B 16 13.30 -29.44 -2.51
CA LEU B 16 12.66 -29.39 -1.20
C LEU B 16 11.57 -30.46 -1.06
N LYS B 17 10.83 -30.73 -2.13
CA LYS B 17 9.84 -31.80 -2.06
C LYS B 17 10.52 -33.15 -1.88
N ASP B 18 11.66 -33.35 -2.54
CA ASP B 18 12.39 -34.61 -2.38
C ASP B 18 12.79 -34.83 -0.93
N ILE B 19 13.37 -33.79 -0.32
CA ILE B 19 13.79 -33.84 1.07
C ILE B 19 12.60 -34.07 2.01
N LEU B 20 11.53 -33.30 1.83
CA LEU B 20 10.42 -33.39 2.78
C LEU B 20 9.75 -34.76 2.72
N ALA B 21 9.57 -35.31 1.51
CA ALA B 21 9.00 -36.65 1.39
C ALA B 21 10.00 -37.72 1.83
N GLU B 22 11.29 -37.40 1.80
CA GLU B 22 12.32 -38.37 2.16
C GLU B 22 12.33 -38.67 3.66
N GLY B 23 11.99 -37.69 4.52
CA GLY B 23 11.92 -37.91 5.94
C GLY B 23 10.57 -38.47 6.37
N ASP B 24 10.34 -38.50 7.68
CA ASP B 24 9.11 -39.12 8.19
C ASP B 24 7.97 -38.12 8.46
N LYS B 25 8.27 -36.83 8.55
CA LYS B 25 7.29 -35.78 8.78
C LYS B 25 8.07 -34.46 8.82
N VAL B 26 7.33 -33.35 8.79
CA VAL B 26 7.90 -32.01 8.67
C VAL B 26 7.54 -31.19 9.89
N ILE B 27 8.54 -30.59 10.53
CA ILE B 27 8.35 -29.66 11.64
C ILE B 27 8.83 -28.30 11.18
N ILE B 28 7.93 -27.32 11.19
CA ILE B 28 8.22 -26.00 10.65
C ILE B 28 8.28 -25.00 11.79
N MET B 29 9.33 -24.19 11.79
CA MET B 29 9.62 -23.29 12.89
C MET B 29 10.14 -21.96 12.37
N GLY B 30 9.56 -20.88 12.85
CA GLY B 30 10.03 -19.54 12.56
C GLY B 30 10.98 -19.05 13.63
N HIS B 31 10.95 -17.74 13.87
CA HIS B 31 11.82 -17.11 14.87
C HIS B 31 11.04 -16.79 16.14
N LYS B 32 11.80 -16.40 17.17
CA LYS B 32 11.18 -16.00 18.42
C LYS B 32 10.27 -14.81 18.21
N ARG B 33 9.14 -14.82 18.92
CA ARG B 33 8.11 -13.81 18.76
C ARG B 33 7.75 -13.69 17.29
N PRO B 34 7.15 -14.74 16.71
CA PRO B 34 6.92 -14.72 15.26
C PRO B 34 6.04 -13.55 14.88
N ASP B 35 6.35 -12.96 13.73
CA ASP B 35 5.46 -12.00 13.11
C ASP B 35 4.73 -12.67 11.96
N LEU B 36 3.96 -11.87 11.21
CA LEU B 36 3.04 -12.45 10.25
C LEU B 36 3.78 -13.04 9.05
N ASP B 37 5.00 -12.55 8.75
CA ASP B 37 5.79 -13.19 7.69
C ASP B 37 6.26 -14.58 8.12
N ALA B 38 6.78 -14.73 9.35
CA ALA B 38 7.19 -16.06 9.83
C ALA B 38 6.02 -17.02 9.84
N ILE B 39 4.88 -16.59 10.37
CA ILE B 39 3.71 -17.46 10.45
C ILE B 39 3.17 -17.77 9.06
N GLY B 40 3.10 -16.76 8.19
CA GLY B 40 2.63 -16.99 6.83
C GLY B 40 3.55 -17.91 6.05
N ALA B 41 4.86 -17.68 6.13
CA ALA B 41 5.84 -18.59 5.54
C ALA B 41 5.64 -20.02 6.04
N ALA B 42 5.51 -20.20 7.36
CA ALA B 42 5.32 -21.55 7.91
C ALA B 42 4.03 -22.17 7.39
N ILE B 43 2.94 -21.38 7.35
CA ILE B 43 1.70 -21.88 6.78
C ILE B 43 1.92 -22.30 5.34
N GLY B 44 2.66 -21.49 4.58
CA GLY B 44 2.96 -21.84 3.21
C GLY B 44 3.73 -23.14 3.10
N VAL B 45 4.70 -23.35 3.99
CA VAL B 45 5.49 -24.58 3.95
C VAL B 45 4.64 -25.79 4.32
N SER B 46 3.70 -25.62 5.26
CA SER B 46 2.82 -26.75 5.56
C SER B 46 1.83 -27.04 4.42
N ARG B 47 1.49 -26.03 3.61
CA ARG B 47 0.71 -26.30 2.41
C ARG B 47 1.56 -26.99 1.33
N PHE B 48 2.82 -26.57 1.21
CA PHE B 48 3.77 -27.26 0.35
C PHE B 48 3.76 -28.76 0.65
N ALA B 49 3.71 -29.11 1.94
CA ALA B 49 3.77 -30.50 2.35
C ALA B 49 2.47 -31.23 2.06
N MET B 50 1.33 -30.60 2.33
CA MET B 50 0.06 -31.27 2.09
C MET B 50 -0.23 -31.49 0.61
N MET B 51 0.27 -30.61 -0.24
CA MET B 51 0.11 -30.80 -1.68
C MET B 51 0.73 -32.12 -2.12
N ASN B 52 1.74 -32.58 -1.39
CA ASN B 52 2.41 -33.85 -1.62
C ASN B 52 2.03 -34.88 -0.57
N ASN B 53 0.89 -34.67 0.10
CA ASN B 53 0.30 -35.55 1.12
C ASN B 53 1.23 -35.88 2.28
N LEU B 54 2.22 -35.02 2.52
CA LEU B 54 3.12 -35.22 3.65
C LEU B 54 2.47 -34.72 4.94
N GLU B 55 3.06 -35.09 6.06
CA GLU B 55 2.57 -34.77 7.39
C GLU B 55 3.46 -33.68 7.96
N ALA B 56 2.87 -32.52 8.26
CA ALA B 56 3.66 -31.34 8.63
C ALA B 56 3.01 -30.59 9.79
N TYR B 57 3.86 -30.02 10.66
CA TYR B 57 3.38 -29.24 11.79
C TYR B 57 4.20 -27.96 11.91
N ILE B 58 3.56 -26.94 12.50
CA ILE B 58 4.16 -25.65 12.80
C ILE B 58 4.29 -25.51 14.32
N VAL B 59 5.50 -25.20 14.78
CA VAL B 59 5.74 -25.01 16.21
C VAL B 59 5.28 -23.62 16.61
N LEU B 60 4.42 -23.55 17.63
CA LEU B 60 3.94 -22.26 18.12
C LEU B 60 3.41 -22.47 19.54
N ASN B 61 3.93 -21.70 20.49
CA ASN B 61 3.49 -21.77 21.88
C ASN B 61 2.57 -20.60 22.23
N GLU B 62 1.80 -20.78 23.29
CA GLU B 62 0.90 -19.72 23.73
C GLU B 62 1.67 -18.46 24.11
N THR B 63 2.83 -18.61 24.73
CA THR B 63 3.61 -17.42 25.05
C THR B 63 4.16 -16.74 23.80
N ASP B 64 4.05 -17.36 22.63
CA ASP B 64 4.58 -16.81 21.39
C ASP B 64 3.59 -15.92 20.65
N ILE B 65 2.36 -15.80 21.13
CA ILE B 65 1.27 -15.22 20.35
C ILE B 65 1.03 -13.82 20.88
N ASP B 66 1.57 -12.83 20.16
CA ASP B 66 1.42 -11.41 20.47
C ASP B 66 0.04 -10.95 20.00
N PRO B 67 -0.33 -9.68 20.24
CA PRO B 67 -1.71 -9.27 19.89
C PRO B 67 -2.03 -9.36 18.40
N THR B 68 -1.07 -9.05 17.54
CA THR B 68 -1.31 -9.19 16.10
C THR B 68 -1.48 -10.66 15.71
N LEU B 69 -0.62 -11.54 16.24
CA LEU B 69 -0.77 -12.96 15.96
C LEU B 69 -2.11 -13.49 16.50
N ARG B 70 -2.62 -12.89 17.57
CA ARG B 70 -3.81 -13.44 18.21
C ARG B 70 -5.05 -13.26 17.34
N ARG B 71 -5.17 -12.11 16.65
CA ARG B 71 -6.29 -11.95 15.72
C ARG B 71 -6.22 -12.91 14.55
N VAL B 72 -5.01 -13.22 14.10
CA VAL B 72 -4.84 -14.23 13.08
C VAL B 72 -5.28 -15.59 13.58
N MET B 73 -4.87 -15.93 14.82
CA MET B 73 -5.26 -17.22 15.41
C MET B 73 -6.77 -17.33 15.58
N ASN B 74 -7.43 -16.22 15.96
CA ASN B 74 -8.89 -16.23 16.04
C ASN B 74 -9.51 -16.65 14.71
N GLU B 75 -8.91 -16.24 13.59
CA GLU B 75 -9.38 -16.72 12.29
C GLU B 75 -8.98 -18.17 12.08
N ILE B 76 -7.73 -18.49 12.37
CA ILE B 76 -7.26 -19.86 12.18
C ILE B 76 -8.04 -20.84 13.06
N ASP B 77 -8.48 -20.40 14.24
CA ASP B 77 -9.29 -21.27 15.10
C ASP B 77 -10.56 -21.74 14.39
N LYS B 78 -11.13 -20.92 13.50
CA LYS B 78 -12.39 -21.29 12.85
C LYS B 78 -12.26 -22.42 11.82
N LYS B 79 -11.15 -23.13 11.72
CA LYS B 79 -10.98 -24.18 10.71
C LYS B 79 -10.01 -25.19 11.28
N PRO B 80 -10.53 -26.34 11.77
CA PRO B 80 -9.64 -27.22 12.57
C PRO B 80 -8.52 -27.84 11.73
N GLU B 81 -8.73 -28.07 10.42
CA GLU B 81 -7.64 -28.56 9.59
C GLU B 81 -6.42 -27.63 9.69
N LEU B 82 -6.58 -26.33 9.43
CA LEU B 82 -5.43 -25.44 9.59
C LEU B 82 -4.96 -25.39 11.05
N ARG B 83 -5.90 -25.33 11.99
CA ARG B 83 -5.52 -25.16 13.38
C ARG B 83 -4.81 -26.42 13.93
N GLU B 84 -5.20 -27.59 13.44
CA GLU B 84 -4.56 -28.84 13.87
C GLU B 84 -3.09 -28.90 13.51
N ARG B 85 -2.64 -28.12 12.52
CA ARG B 85 -1.24 -28.16 12.15
C ARG B 85 -0.34 -27.44 13.14
N PHE B 86 -0.89 -26.64 14.06
CA PHE B 86 -0.09 -25.93 15.04
C PHE B 86 0.09 -26.76 16.31
N ILE B 87 1.34 -26.87 16.77
CA ILE B 87 1.69 -27.70 17.92
C ILE B 87 2.67 -26.93 18.80
N THR B 88 2.87 -27.45 20.02
CA THR B 88 3.75 -26.78 20.97
C THR B 88 5.16 -27.35 20.86
N SER B 89 6.10 -26.65 21.51
CA SER B 89 7.49 -27.10 21.54
C SER B 89 7.59 -28.53 22.05
N ASP B 90 6.84 -28.85 23.12
CA ASP B 90 6.95 -30.16 23.74
C ASP B 90 6.44 -31.26 22.82
N ASP B 91 5.25 -31.07 22.24
CA ASP B 91 4.72 -32.06 21.30
C ASP B 91 5.61 -32.20 20.08
N ALA B 92 6.25 -31.11 19.65
CA ALA B 92 7.17 -31.22 18.54
C ALA B 92 8.38 -32.05 18.94
N TRP B 93 8.95 -31.74 20.12
CA TRP B 93 10.08 -32.49 20.64
C TRP B 93 9.76 -33.99 20.76
N ASP B 94 8.62 -34.31 21.38
CA ASP B 94 8.30 -35.71 21.63
C ASP B 94 8.10 -36.48 20.34
N MET B 95 7.56 -35.84 19.30
CA MET B 95 7.25 -36.54 18.04
C MET B 95 8.42 -36.58 17.04
N MET B 96 9.54 -35.93 17.34
CA MET B 96 10.66 -35.86 16.41
C MET B 96 11.51 -37.12 16.45
N THR B 97 11.96 -37.56 15.26
CA THR B 97 12.91 -38.64 15.15
C THR B 97 14.13 -38.16 14.38
N SER B 98 15.06 -39.09 14.16
CA SER B 98 16.21 -38.79 13.32
C SER B 98 15.83 -38.67 11.85
N LYS B 99 14.60 -39.07 11.48
CA LYS B 99 14.10 -38.93 10.11
C LYS B 99 13.18 -37.73 9.93
N THR B 100 13.08 -36.85 10.92
CA THR B 100 12.20 -35.68 10.85
C THR B 100 12.97 -34.51 10.25
N THR B 101 12.36 -33.82 9.29
CA THR B 101 12.93 -32.60 8.73
C THR B 101 12.34 -31.41 9.45
N VAL B 102 13.21 -30.57 10.01
CA VAL B 102 12.84 -29.27 10.56
C VAL B 102 13.11 -28.23 9.49
N VAL B 103 12.10 -27.43 9.19
CA VAL B 103 12.25 -26.31 8.26
C VAL B 103 12.23 -25.05 9.10
N ILE B 104 13.30 -24.25 8.98
CA ILE B 104 13.44 -22.96 9.63
C ILE B 104 13.10 -21.89 8.61
N VAL B 105 12.09 -21.08 8.93
CA VAL B 105 11.63 -20.02 8.03
C VAL B 105 11.91 -18.67 8.66
N ASP B 106 12.34 -17.73 7.83
CA ASP B 106 12.40 -16.31 8.17
C ASP B 106 13.49 -15.98 9.19
N THR B 107 14.51 -16.83 9.27
CA THR B 107 15.67 -16.60 10.11
C THR B 107 16.69 -17.69 9.76
N HIS B 108 17.93 -17.47 10.16
CA HIS B 108 18.96 -18.44 9.86
C HIS B 108 19.95 -18.58 11.01
N LYS B 109 19.71 -17.93 12.13
CA LYS B 109 20.62 -17.96 13.24
C LYS B 109 20.04 -18.78 14.40
N PRO B 110 20.80 -19.77 14.90
CA PRO B 110 20.21 -20.73 15.86
C PRO B 110 19.60 -20.10 17.09
N GLU B 111 20.11 -18.96 17.54
CA GLU B 111 19.59 -18.34 18.77
C GLU B 111 18.35 -17.49 18.54
N LEU B 112 18.01 -17.20 17.29
CA LEU B 112 16.75 -16.55 16.99
C LEU B 112 15.63 -17.53 16.71
N VAL B 113 15.95 -18.81 16.54
CA VAL B 113 14.95 -19.83 16.29
C VAL B 113 13.95 -19.87 17.44
N LEU B 114 12.68 -20.14 17.11
CA LEU B 114 11.61 -20.10 18.12
C LEU B 114 11.90 -21.05 19.29
N ASP B 115 12.37 -22.27 19.00
CA ASP B 115 12.70 -23.23 20.06
C ASP B 115 14.05 -23.87 19.73
N GLU B 116 15.10 -23.44 20.42
CA GLU B 116 16.43 -23.97 20.12
C GLU B 116 16.53 -25.46 20.37
N ASN B 117 15.79 -25.99 21.36
CA ASN B 117 15.91 -27.41 21.67
C ASN B 117 15.33 -28.28 20.56
N VAL B 118 14.19 -27.86 20.00
CA VAL B 118 13.69 -28.54 18.80
C VAL B 118 14.72 -28.46 17.69
N LEU B 119 15.37 -27.30 17.56
CA LEU B 119 16.42 -27.15 16.55
C LEU B 119 17.58 -28.09 16.86
N ASN B 120 17.98 -28.18 18.13
CA ASN B 120 19.11 -29.00 18.51
C ASN B 120 18.82 -30.48 18.36
N LYS B 121 17.59 -30.92 18.62
CA LYS B 121 17.23 -32.31 18.41
C LYS B 121 17.21 -32.68 16.95
N ALA B 122 17.08 -31.69 16.06
CA ALA B 122 16.82 -31.95 14.66
C ALA B 122 18.05 -32.55 13.99
N ASN B 123 17.81 -33.65 13.27
CA ASN B 123 18.84 -34.28 12.46
C ASN B 123 18.84 -33.80 11.01
N ARG B 124 17.67 -33.46 10.48
CA ARG B 124 17.50 -32.94 9.13
C ARG B 124 16.98 -31.51 9.21
N LYS B 125 17.68 -30.58 8.57
CA LYS B 125 17.35 -29.16 8.66
C LYS B 125 17.32 -28.51 7.28
N VAL B 126 16.42 -27.53 7.13
CA VAL B 126 16.20 -26.74 5.92
C VAL B 126 16.05 -25.28 6.33
N VAL B 127 16.64 -24.37 5.55
CA VAL B 127 16.63 -22.94 5.85
C VAL B 127 16.06 -22.18 4.65
N ILE B 128 14.99 -21.43 4.87
CA ILE B 128 14.43 -20.49 3.90
C ILE B 128 14.36 -19.12 4.57
N ASP B 129 15.08 -18.15 4.02
CA ASP B 129 15.18 -16.86 4.67
C ASP B 129 15.57 -15.83 3.64
N HIS B 130 15.31 -14.56 3.96
CA HIS B 130 15.53 -13.45 3.04
C HIS B 130 16.44 -12.39 3.63
N HIS B 131 17.21 -12.73 4.65
CA HIS B 131 18.16 -11.78 5.19
C HIS B 131 19.55 -12.09 4.67
N ARG B 132 20.47 -11.17 4.95
CA ARG B 132 21.88 -11.40 4.63
C ARG B 132 22.52 -12.24 5.73
N ARG B 133 23.24 -13.29 5.33
CA ARG B 133 23.81 -14.23 6.29
C ARG B 133 24.86 -13.56 7.16
N GLY B 134 24.81 -13.85 8.45
CA GLY B 134 25.78 -13.28 9.38
C GLY B 134 26.77 -14.28 9.95
N GLU B 135 27.08 -14.12 11.23
CA GLU B 135 27.98 -15.04 11.92
C GLU B 135 27.35 -16.42 12.05
N SER B 136 26.38 -16.53 12.95
CA SER B 136 25.76 -17.81 13.26
C SER B 136 24.93 -18.31 12.08
N PHE B 137 24.87 -19.64 11.95
CA PHE B 137 24.08 -20.24 10.89
C PHE B 137 23.60 -21.61 11.35
N ILE B 138 22.39 -21.97 10.91
CA ILE B 138 21.90 -23.33 11.10
C ILE B 138 22.94 -24.30 10.58
N SER B 139 23.28 -25.29 11.40
CA SER B 139 24.38 -26.20 11.08
C SER B 139 23.90 -27.34 10.18
N ASN B 140 24.74 -27.69 9.21
CA ASN B 140 24.50 -28.78 8.27
C ASN B 140 23.09 -28.79 7.67
N PRO B 141 22.68 -27.73 6.99
CA PRO B 141 21.36 -27.75 6.35
C PRO B 141 21.38 -28.63 5.11
N LEU B 142 20.26 -29.33 4.88
CA LEU B 142 20.13 -30.13 3.67
C LEU B 142 19.89 -29.24 2.45
N LEU B 143 19.15 -28.15 2.61
CA LEU B 143 18.85 -27.19 1.55
C LEU B 143 18.81 -25.80 2.16
N ILE B 144 19.26 -24.84 1.39
CA ILE B 144 19.29 -23.43 1.77
C ILE B 144 18.62 -22.63 0.67
N TYR B 145 17.55 -21.91 1.01
CA TYR B 145 16.92 -20.96 0.11
C TYR B 145 17.05 -19.59 0.76
N MET B 146 18.12 -18.88 0.42
CA MET B 146 18.35 -17.56 0.96
C MET B 146 18.46 -16.55 -0.17
N GLU B 147 17.66 -15.49 -0.07
CA GLU B 147 17.58 -14.46 -1.10
C GLU B 147 17.48 -13.13 -0.37
N PRO B 148 18.62 -12.47 -0.13
CA PRO B 148 18.60 -11.22 0.64
C PRO B 148 17.87 -10.07 -0.03
N TYR B 149 17.59 -10.15 -1.33
CA TYR B 149 16.83 -9.11 -1.99
C TYR B 149 15.32 -9.31 -1.91
N ALA B 150 14.85 -10.54 -1.68
CA ALA B 150 13.41 -10.77 -1.61
C ALA B 150 12.79 -9.97 -0.45
N SER B 151 11.49 -9.75 -0.54
CA SER B 151 10.81 -8.92 0.45
C SER B 151 10.62 -9.62 1.78
N SER B 152 10.53 -10.94 1.76
CA SER B 152 10.00 -11.71 2.88
C SER B 152 10.20 -13.18 2.56
N THR B 153 10.03 -14.01 3.59
CA THR B 153 10.05 -15.45 3.39
C THR B 153 8.75 -15.94 2.79
N ALA B 154 7.67 -15.22 3.04
CA ALA B 154 6.39 -15.52 2.38
C ALA B 154 6.53 -15.44 0.86
N GLU B 155 7.18 -14.38 0.35
CA GLU B 155 7.42 -14.28 -1.09
C GLU B 155 8.20 -15.48 -1.59
N LEU B 156 9.25 -15.88 -0.87
CA LEU B 156 10.08 -17.01 -1.28
C LEU B 156 9.27 -18.30 -1.29
N VAL B 157 8.49 -18.55 -0.22
CA VAL B 157 7.72 -19.79 -0.16
C VAL B 157 6.62 -19.80 -1.22
N THR B 158 6.09 -18.62 -1.56
CA THR B 158 5.10 -18.56 -2.64
C THR B 158 5.69 -19.03 -3.96
N GLU B 159 6.91 -18.60 -4.28
CA GLU B 159 7.56 -19.05 -5.49
C GLU B 159 7.70 -20.57 -5.51
N LEU B 160 7.99 -21.18 -4.36
CA LEU B 160 8.14 -22.63 -4.31
C LEU B 160 6.81 -23.34 -4.53
N LEU B 161 5.72 -22.80 -3.99
CA LEU B 161 4.41 -23.42 -4.14
C LEU B 161 4.02 -23.58 -5.61
N GLU B 162 4.46 -22.68 -6.48
CA GLU B 162 3.94 -22.63 -7.85
C GLU B 162 4.31 -23.87 -8.66
N TYR B 163 5.33 -24.61 -8.26
CA TYR B 163 5.81 -25.76 -9.02
C TYR B 163 5.33 -27.08 -8.43
N GLN B 164 4.30 -27.04 -7.58
CA GLN B 164 3.81 -28.20 -6.86
C GLN B 164 2.39 -28.53 -7.32
N PRO B 165 1.94 -29.77 -7.08
CA PRO B 165 0.61 -30.18 -7.56
C PRO B 165 -0.49 -29.29 -7.01
N THR B 166 -1.53 -29.08 -7.82
CA THR B 166 -2.54 -28.08 -7.54
C THR B 166 -3.86 -28.65 -7.02
N GLU B 167 -3.96 -29.97 -6.85
CA GLU B 167 -5.22 -30.56 -6.40
C GLU B 167 -5.60 -30.06 -5.02
N GLN B 168 -4.64 -30.03 -4.09
CA GLN B 168 -4.87 -29.51 -2.75
C GLN B 168 -4.31 -28.08 -2.68
N ARG B 169 -5.04 -27.15 -3.27
CA ARG B 169 -4.58 -25.78 -3.39
C ARG B 169 -4.43 -25.09 -2.04
N LEU B 170 -3.54 -24.10 -2.02
CA LEU B 170 -3.52 -23.09 -0.97
C LEU B 170 -4.91 -22.50 -0.78
N THR B 171 -5.37 -22.46 0.47
CA THR B 171 -6.72 -21.97 0.72
C THR B 171 -6.73 -20.45 0.88
N ARG B 172 -7.95 -19.92 0.95
CA ARG B 172 -8.17 -18.50 1.07
C ARG B 172 -7.54 -17.92 2.33
N LEU B 173 -7.76 -18.57 3.48
CA LEU B 173 -7.21 -18.04 4.73
C LEU B 173 -5.69 -18.17 4.75
N GLU B 174 -5.17 -19.32 4.26
CA GLU B 174 -3.73 -19.54 4.19
C GLU B 174 -3.03 -18.45 3.39
N SER B 175 -3.54 -18.16 2.18
CA SER B 175 -2.91 -17.13 1.37
C SER B 175 -3.19 -15.74 1.90
N THR B 176 -4.28 -15.56 2.67
CA THR B 176 -4.47 -14.27 3.32
C THR B 176 -3.37 -14.02 4.35
N VAL B 177 -3.04 -15.03 5.16
CA VAL B 177 -1.97 -14.84 6.15
C VAL B 177 -0.64 -14.58 5.47
N MET B 178 -0.32 -15.37 4.43
CA MET B 178 0.92 -15.14 3.67
C MET B 178 0.94 -13.72 3.08
N TYR B 179 -0.17 -13.30 2.48
CA TYR B 179 -0.25 -11.96 1.93
C TYR B 179 -0.04 -10.91 3.02
N ALA B 180 -0.57 -11.17 4.22
CA ALA B 180 -0.36 -10.27 5.35
C ALA B 180 1.12 -10.16 5.72
N GLY B 181 1.85 -11.29 5.68
CA GLY B 181 3.28 -11.25 5.92
C GLY B 181 4.03 -10.37 4.94
N ILE B 182 3.70 -10.46 3.64
CA ILE B 182 4.31 -9.56 2.67
C ILE B 182 3.91 -8.11 2.95
N ILE B 183 2.65 -7.87 3.32
CA ILE B 183 2.23 -6.50 3.58
C ILE B 183 3.03 -5.90 4.73
N VAL B 184 3.28 -6.68 5.79
CA VAL B 184 4.01 -6.15 6.94
C VAL B 184 5.48 -5.94 6.59
N ASP B 185 6.09 -6.93 5.94
CA ASP B 185 7.52 -6.84 5.67
C ASP B 185 7.86 -5.75 4.66
N THR B 186 6.92 -5.42 3.77
CA THR B 186 7.15 -4.37 2.78
C THR B 186 6.52 -3.04 3.17
N ARG B 187 5.88 -2.95 4.33
CA ARG B 187 4.98 -1.86 4.65
C ARG B 187 4.12 -1.50 3.46
N ASN B 188 3.31 -2.48 3.04
CA ASN B 188 2.38 -2.35 1.93
C ASN B 188 3.10 -1.81 0.68
N PHE B 189 4.12 -2.56 0.25
CA PHE B 189 4.79 -2.40 -1.03
C PHE B 189 5.55 -1.08 -1.15
N THR B 190 6.02 -0.55 -0.03
CA THR B 190 6.89 0.62 -0.07
C THR B 190 8.35 0.33 0.21
N LEU B 191 8.67 -0.86 0.73
CA LEU B 191 10.04 -1.23 1.07
C LEU B 191 10.37 -2.61 0.53
N ARG B 192 11.62 -2.78 0.07
CA ARG B 192 12.16 -4.10 -0.29
C ARG B 192 11.27 -4.85 -1.28
N THR B 193 10.57 -4.10 -2.13
CA THR B 193 9.51 -4.61 -3.00
C THR B 193 10.03 -4.60 -4.43
N GLY B 194 10.18 -5.79 -5.03
CA GLY B 194 10.51 -5.92 -6.43
C GLY B 194 9.41 -6.56 -7.25
N SER B 195 9.73 -6.86 -8.49
CA SER B 195 8.71 -7.42 -9.36
C SER B 195 8.26 -8.79 -8.87
N ARG B 196 9.18 -9.56 -8.30
CA ARG B 196 8.85 -10.88 -7.77
C ARG B 196 7.95 -10.77 -6.54
N THR B 197 8.10 -9.71 -5.73
CA THR B 197 7.11 -9.42 -4.69
C THR B 197 5.70 -9.30 -5.26
N PHE B 198 5.53 -8.54 -6.34
CA PHE B 198 4.22 -8.42 -6.95
C PHE B 198 3.77 -9.74 -7.61
N ASP B 199 4.70 -10.54 -8.16
CA ASP B 199 4.33 -11.88 -8.63
C ASP B 199 3.74 -12.72 -7.50
N ALA B 200 4.39 -12.69 -6.34
CA ALA B 200 3.88 -13.48 -5.22
C ALA B 200 2.51 -12.97 -4.80
N ALA B 201 2.34 -11.64 -4.74
CA ALA B 201 1.04 -11.07 -4.40
C ALA B 201 -0.01 -11.45 -5.43
N SER B 202 0.38 -11.49 -6.70
CA SER B 202 -0.53 -11.93 -7.75
C SER B 202 -1.04 -13.34 -7.48
N TYR B 203 -0.10 -14.26 -7.21
CA TYR B 203 -0.44 -15.64 -6.88
C TYR B 203 -1.35 -15.75 -5.66
N LEU B 204 -1.00 -15.05 -4.58
CA LEU B 204 -1.81 -15.14 -3.37
C LEU B 204 -3.20 -14.57 -3.61
N ARG B 205 -3.28 -13.46 -4.31
CA ARG B 205 -4.56 -12.86 -4.63
C ARG B 205 -5.41 -13.80 -5.48
N ALA B 206 -4.76 -14.54 -6.40
CA ALA B 206 -5.50 -15.48 -7.23
C ALA B 206 -6.01 -16.67 -6.45
N HIS B 207 -5.53 -16.86 -5.21
CA HIS B 207 -6.00 -17.93 -4.33
C HIS B 207 -6.87 -17.41 -3.20
N GLY B 208 -7.33 -16.17 -3.28
CA GLY B 208 -8.32 -15.67 -2.35
C GLY B 208 -7.82 -14.73 -1.27
N ALA B 209 -6.53 -14.39 -1.25
CA ALA B 209 -5.98 -13.45 -0.28
C ALA B 209 -6.84 -12.20 -0.17
N ASP B 210 -7.24 -11.89 1.06
CA ASP B 210 -8.33 -10.97 1.36
C ASP B 210 -7.76 -9.64 1.87
N THR B 211 -8.00 -8.56 1.11
CA THR B 211 -7.56 -7.23 1.55
C THR B 211 -8.15 -6.86 2.90
N ILE B 212 -9.46 -7.08 3.06
CA ILE B 212 -10.15 -6.56 4.24
C ILE B 212 -9.76 -7.35 5.49
N LEU B 213 -9.53 -8.66 5.34
CA LEU B 213 -9.08 -9.44 6.49
C LEU B 213 -7.64 -9.08 6.88
N THR B 214 -6.79 -8.84 5.89
CA THR B 214 -5.44 -8.32 6.16
C THR B 214 -5.50 -6.98 6.87
N GLN B 215 -6.38 -6.09 6.42
CA GLN B 215 -6.54 -4.81 7.12
C GLN B 215 -6.97 -5.03 8.56
N HIS B 216 -7.87 -6.00 8.79
CA HIS B 216 -8.30 -6.32 10.15
C HIS B 216 -7.13 -6.75 11.03
N PHE B 217 -6.23 -7.59 10.51
CA PHE B 217 -5.08 -8.04 11.29
C PHE B 217 -4.20 -6.88 11.74
N LEU B 218 -4.10 -5.84 10.92
CA LEU B 218 -3.11 -4.80 11.11
C LEU B 218 -3.70 -3.48 11.59
N LYS B 219 -4.95 -3.48 12.06
CA LYS B 219 -5.57 -2.23 12.52
C LYS B 219 -4.75 -1.60 13.64
N ASP B 220 -4.62 -0.29 13.57
CA ASP B 220 -3.98 0.48 14.61
C ASP B 220 -4.91 0.70 15.80
N ASP B 221 -4.34 0.67 17.00
CA ASP B 221 -5.07 1.05 18.20
C ASP B 221 -5.47 2.52 18.13
N VAL B 222 -6.61 2.84 18.76
CA VAL B 222 -7.13 4.21 18.70
C VAL B 222 -6.39 5.13 19.67
N ASP B 223 -6.07 4.63 20.88
CA ASP B 223 -5.26 5.40 21.83
C ASP B 223 -3.95 5.85 21.20
N THR B 224 -3.33 4.94 20.47
CA THR B 224 -1.98 5.19 19.98
C THR B 224 -2.03 6.11 18.76
N TYR B 225 -3.08 6.00 17.95
CA TYR B 225 -3.30 7.03 16.93
C TYR B 225 -3.48 8.41 17.56
N ILE B 226 -4.18 8.50 18.69
CA ILE B 226 -4.40 9.82 19.26
C ILE B 226 -3.13 10.36 19.94
N ASN B 227 -2.32 9.50 20.57
CA ASN B 227 -1.04 9.94 21.13
C ASN B 227 -0.08 10.34 20.03
N ARG B 228 0.10 9.48 19.03
CA ARG B 228 0.99 9.79 17.93
C ARG B 228 0.63 11.12 17.30
N SER B 229 -0.66 11.38 17.10
CA SER B 229 -1.08 12.60 16.42
C SER B 229 -0.95 13.82 17.32
N GLU B 230 -1.04 13.64 18.65
CA GLU B 230 -0.73 14.73 19.57
C GLU B 230 0.69 15.23 19.36
N LEU B 231 1.63 14.31 19.12
CA LEU B 231 2.99 14.72 18.81
C LEU B 231 3.06 15.39 17.45
N ILE B 232 2.45 14.76 16.45
CA ILE B 232 2.59 15.25 15.07
C ILE B 232 2.05 16.67 14.94
N ARG B 233 0.90 16.96 15.56
CA ARG B 233 0.22 18.23 15.33
C ARG B 233 1.06 19.44 15.75
N THR B 234 2.12 19.23 16.53
CA THR B 234 2.97 20.34 16.98
C THR B 234 4.06 20.70 15.99
N VAL B 235 4.14 20.02 14.83
CA VAL B 235 5.33 20.11 14.01
C VAL B 235 5.51 21.54 13.50
N LYS B 236 6.77 21.97 13.42
CA LYS B 236 7.16 23.18 12.71
C LYS B 236 8.20 22.78 11.67
N VAL B 237 8.02 23.26 10.44
CA VAL B 237 8.90 22.91 9.33
C VAL B 237 9.59 24.18 8.85
N GLU B 238 10.92 24.14 8.83
CA GLU B 238 11.74 25.19 8.24
C GLU B 238 11.81 25.03 6.72
N ASP B 239 12.20 26.12 6.04
CA ASP B 239 12.29 26.13 4.58
C ASP B 239 13.23 25.06 4.05
N ASN B 240 14.26 24.68 4.82
CA ASN B 240 15.19 23.64 4.42
C ASN B 240 14.64 22.22 4.63
N GLY B 241 13.39 22.08 5.11
CA GLY B 241 12.77 20.78 5.28
C GLY B 241 12.95 20.11 6.62
N ILE B 242 13.63 20.76 7.57
CA ILE B 242 13.82 20.24 8.92
C ILE B 242 12.53 20.43 9.68
N ALA B 243 11.96 19.33 10.18
CA ALA B 243 10.73 19.38 10.97
C ALA B 243 11.05 19.04 12.42
N ILE B 244 10.46 19.78 13.34
CA ILE B 244 10.58 19.49 14.75
C ILE B 244 9.18 19.37 15.35
N ALA B 245 8.95 18.29 16.10
CA ALA B 245 7.70 18.09 16.82
C ALA B 245 8.03 17.73 18.26
N HIS B 246 7.14 18.06 19.19
CA HIS B 246 7.41 17.80 20.60
C HIS B 246 6.15 17.38 21.35
N GLY B 247 6.36 16.66 22.47
CA GLY B 247 5.34 16.46 23.47
C GLY B 247 5.53 17.47 24.58
N SER B 248 4.50 17.64 25.40
CA SER B 248 4.62 18.61 26.47
C SER B 248 5.61 18.11 27.52
N ASP B 249 6.15 19.05 28.31
CA ASP B 249 7.17 18.69 29.32
C ASP B 249 6.63 17.76 30.42
N ASP B 250 5.32 17.71 30.65
CA ASP B 250 4.77 16.89 31.73
C ASP B 250 4.07 15.60 31.27
N LYS B 251 4.23 15.19 30.01
CA LYS B 251 3.61 13.95 29.56
C LYS B 251 4.67 13.00 29.06
N ILE B 252 4.63 11.78 29.54
CA ILE B 252 5.56 10.75 29.10
C ILE B 252 4.93 9.98 27.95
N TYR B 253 5.64 9.93 26.84
CA TYR B 253 5.20 9.18 25.68
C TYR B 253 5.94 7.85 25.64
N HIS B 254 5.27 6.84 25.12
CA HIS B 254 5.92 5.59 24.82
C HIS B 254 6.97 5.79 23.72
N PRO B 255 8.15 5.17 23.85
CA PRO B 255 9.18 5.35 22.81
C PRO B 255 8.76 4.88 21.44
N VAL B 256 7.87 3.88 21.35
CA VAL B 256 7.42 3.44 20.03
C VAL B 256 6.52 4.50 19.39
N THR B 257 5.69 5.17 20.20
CA THR B 257 4.87 6.25 19.67
C THR B 257 5.73 7.41 19.14
N VAL B 258 6.81 7.76 19.86
CA VAL B 258 7.72 8.81 19.38
C VAL B 258 8.36 8.41 18.05
N ALA B 259 8.90 7.19 17.99
CA ALA B 259 9.49 6.67 16.77
C ALA B 259 8.49 6.68 15.61
N GLN B 260 7.24 6.30 15.88
CA GLN B 260 6.27 6.25 14.79
C GLN B 260 5.92 7.64 14.30
N ALA B 261 5.88 8.63 15.21
CA ALA B 261 5.64 10.01 14.82
C ALA B 261 6.74 10.54 13.92
N ALA B 262 8.00 10.22 14.26
CA ALA B 262 9.10 10.69 13.42
C ALA B 262 9.04 10.03 12.05
N ASP B 263 8.71 8.72 12.01
CA ASP B 263 8.53 8.01 10.73
C ASP B 263 7.38 8.62 9.92
N GLU B 264 6.24 8.91 10.56
CA GLU B 264 5.05 9.40 9.85
C GLU B 264 5.23 10.83 9.33
N LEU B 265 6.10 11.63 9.94
CA LEU B 265 6.34 12.98 9.45
C LEU B 265 7.03 13.00 8.08
N LEU B 266 7.85 11.99 7.79
CA LEU B 266 8.48 11.88 6.48
C LEU B 266 7.48 11.68 5.35
N SER B 267 6.24 11.31 5.68
CA SER B 267 5.23 11.10 4.65
C SER B 267 4.46 12.38 4.34
N LEU B 268 4.80 13.49 5.00
CA LEU B 268 4.15 14.76 4.78
C LEU B 268 5.01 15.61 3.87
N GLU B 269 4.37 16.51 3.15
CA GLU B 269 5.02 17.29 2.10
C GLU B 269 6.05 18.26 2.67
N GLY B 270 7.22 18.29 2.04
CA GLY B 270 8.25 19.26 2.34
C GLY B 270 9.13 18.94 3.53
N ILE B 271 9.05 17.73 4.08
CA ILE B 271 9.84 17.35 5.24
C ILE B 271 10.97 16.44 4.77
N GLU B 272 12.20 16.93 4.84
CA GLU B 272 13.39 16.12 4.54
C GLU B 272 13.88 15.34 5.76
N ALA B 273 13.66 15.85 6.95
CA ALA B 273 14.17 15.24 8.16
C ALA B 273 13.28 15.64 9.32
N SER B 274 13.02 14.70 10.21
CA SER B 274 12.12 14.93 11.33
C SER B 274 12.84 14.70 12.66
N TYR B 275 12.51 15.52 13.65
CA TYR B 275 12.98 15.36 15.01
C TYR B 275 11.79 15.47 15.94
N VAL B 276 11.50 14.39 16.68
CA VAL B 276 10.41 14.36 17.64
C VAL B 276 11.02 14.27 19.02
N VAL B 277 10.64 15.20 19.90
CA VAL B 277 11.21 15.37 21.23
C VAL B 277 10.10 15.15 22.25
N ALA B 278 10.27 14.15 23.10
CA ALA B 278 9.20 13.88 24.06
C ALA B 278 9.80 13.31 25.34
N ARG B 279 9.24 13.73 26.47
CA ARG B 279 9.68 13.19 27.75
C ARG B 279 9.52 11.66 27.75
N ARG B 280 10.61 10.98 28.08
CA ARG B 280 10.68 9.53 28.16
C ARG B 280 10.62 9.01 29.60
N GLU B 281 11.32 9.66 30.54
CA GLU B 281 11.15 9.48 31.99
C GLU B 281 11.10 10.84 32.66
N ASP B 282 10.95 10.85 33.98
CA ASP B 282 10.96 12.13 34.71
C ASP B 282 12.35 12.79 34.71
N ASN B 283 13.39 12.06 34.36
CA ASN B 283 14.70 12.68 34.23
C ASN B 283 15.30 12.45 32.85
N LEU B 284 14.47 12.20 31.84
CA LEU B 284 14.99 11.77 30.55
C LEU B 284 14.11 12.28 29.41
N ILE B 285 14.72 12.93 28.42
CA ILE B 285 14.01 13.37 27.22
C ILE B 285 14.51 12.53 26.05
N GLY B 286 13.56 11.96 25.29
CA GLY B 286 13.90 11.23 24.08
C GLY B 286 13.71 12.05 22.82
N ILE B 287 14.57 11.81 21.83
CA ILE B 287 14.49 12.41 20.50
C ILE B 287 14.61 11.29 19.47
N SER B 288 13.65 11.24 18.55
CA SER B 288 13.72 10.33 17.42
C SER B 288 13.95 11.12 16.14
N ALA B 289 14.98 10.77 15.40
CA ALA B 289 15.35 11.50 14.19
C ALA B 289 15.24 10.58 12.98
N ARG B 290 14.62 11.09 11.92
CA ARG B 290 14.40 10.34 10.69
C ARG B 290 14.66 11.26 9.52
N SER B 291 15.13 10.69 8.42
CA SER B 291 15.47 11.50 7.26
C SER B 291 15.14 10.72 6.00
N LEU B 292 14.75 11.46 4.96
CA LEU B 292 14.52 10.86 3.64
C LEU B 292 15.79 10.29 3.03
N GLY B 293 16.96 10.70 3.52
CA GLY B 293 18.20 10.14 3.04
C GLY B 293 19.25 11.16 2.64
N SER B 294 18.89 12.44 2.64
CA SER B 294 19.87 13.48 2.30
C SER B 294 20.42 14.18 3.54
N VAL B 295 19.53 14.73 4.38
CA VAL B 295 19.95 15.28 5.67
C VAL B 295 20.44 14.15 6.56
N ASN B 296 21.57 14.37 7.22
CA ASN B 296 22.20 13.34 8.02
C ASN B 296 21.77 13.55 9.47
N VAL B 297 20.83 12.72 9.94
CA VAL B 297 20.39 12.85 11.33
C VAL B 297 21.28 12.04 12.26
N GLN B 298 22.13 11.17 11.73
CA GLN B 298 23.13 10.50 12.56
C GLN B 298 24.04 11.51 13.23
N LEU B 299 24.54 12.48 12.45
CA LEU B 299 25.47 13.46 12.99
C LEU B 299 24.79 14.37 14.01
N THR B 300 23.52 14.70 13.78
CA THR B 300 22.80 15.54 14.75
C THR B 300 22.66 14.83 16.09
N MET B 301 22.33 13.53 16.07
CA MET B 301 22.10 12.83 17.31
C MET B 301 23.41 12.52 18.01
N GLU B 302 24.43 12.16 17.24
CA GLU B 302 25.77 12.01 17.81
C GLU B 302 26.21 13.28 18.53
N ALA B 303 26.01 14.44 17.91
CA ALA B 303 26.37 15.69 18.57
C ALA B 303 25.77 15.80 19.95
N LEU B 304 24.65 15.12 20.18
CA LEU B 304 23.91 15.20 21.44
C LEU B 304 24.04 13.93 22.26
N GLY B 305 24.97 13.05 21.91
CA GLY B 305 25.28 11.92 22.76
C GLY B 305 24.54 10.66 22.42
N GLY B 306 23.93 10.57 21.24
CA GLY B 306 23.29 9.35 20.77
C GLY B 306 23.93 8.85 19.51
N GLY B 307 23.13 8.43 18.55
CA GLY B 307 23.67 7.93 17.30
C GLY B 307 22.66 7.05 16.57
N GLY B 308 23.17 6.32 15.59
CA GLY B 308 22.34 5.49 14.75
C GLY B 308 22.87 5.47 13.34
N HIS B 309 21.99 5.64 12.36
CA HIS B 309 22.34 5.62 10.96
C HIS B 309 21.85 6.91 10.33
N LEU B 310 22.21 7.13 9.05
CA LEU B 310 22.03 8.45 8.47
C LEU B 310 20.56 8.83 8.39
N THR B 311 19.70 7.85 8.11
CA THR B 311 18.26 8.09 8.00
C THR B 311 17.50 7.72 9.26
N ASN B 312 18.16 7.24 10.31
CA ASN B 312 17.46 6.63 11.43
C ASN B 312 18.37 6.68 12.66
N ALA B 313 18.13 7.65 13.53
CA ALA B 313 18.98 7.83 14.70
C ALA B 313 18.13 8.39 15.84
N ALA B 314 18.74 8.53 17.01
CA ALA B 314 18.03 8.99 18.19
C ALA B 314 19.03 9.30 19.30
N THR B 315 18.55 10.02 20.32
CA THR B 315 19.32 10.29 21.53
C THR B 315 18.37 10.41 22.72
N GLN B 316 18.93 10.22 23.92
CA GLN B 316 18.21 10.45 25.16
C GLN B 316 19.00 11.46 26.00
N LEU B 317 18.29 12.44 26.56
CA LEU B 317 18.95 13.56 27.25
C LEU B 317 18.55 13.56 28.71
N LYS B 318 19.52 13.34 29.60
CA LYS B 318 19.27 13.35 31.03
C LYS B 318 19.19 14.78 31.58
N GLY B 319 18.20 15.03 32.43
CA GLY B 319 18.19 16.22 33.26
C GLY B 319 17.75 17.51 32.60
N VAL B 320 17.10 17.45 31.44
CA VAL B 320 16.62 18.66 30.79
C VAL B 320 15.10 18.62 30.67
N THR B 321 14.50 19.79 30.47
CA THR B 321 13.10 19.86 30.06
C THR B 321 12.99 19.62 28.55
N VAL B 322 11.74 19.47 28.09
CA VAL B 322 11.51 19.32 26.64
C VAL B 322 12.03 20.56 25.91
N GLU B 323 11.71 21.73 26.46
CA GLU B 323 12.14 22.99 25.87
C GLU B 323 13.66 23.12 25.83
N GLU B 324 14.35 22.72 26.90
CA GLU B 324 15.82 22.71 26.87
C GLU B 324 16.35 21.73 25.83
N ALA B 325 15.68 20.58 25.68
CA ALA B 325 16.14 19.61 24.67
C ALA B 325 15.88 20.11 23.26
N ILE B 326 14.78 20.84 23.05
CA ILE B 326 14.54 21.48 21.76
C ILE B 326 15.62 22.51 21.48
N ALA B 327 15.90 23.38 22.47
CA ALA B 327 16.96 24.36 22.29
C ALA B 327 18.30 23.69 22.01
N GLN B 328 18.63 22.62 22.73
CA GLN B 328 19.90 21.95 22.48
C GLN B 328 19.89 21.23 21.14
N LEU B 329 18.73 20.78 20.67
CA LEU B 329 18.65 20.16 19.36
C LEU B 329 18.79 21.20 18.25
N GLN B 330 18.15 22.36 18.39
CA GLN B 330 18.30 23.40 17.38
C GLN B 330 19.74 23.86 17.25
N GLN B 331 20.48 23.93 18.38
CA GLN B 331 21.88 24.32 18.30
C GLN B 331 22.70 23.28 17.54
N ALA B 332 22.42 21.99 17.74
CA ALA B 332 23.11 20.95 16.98
C ALA B 332 22.80 21.04 15.48
N ILE B 333 21.55 21.40 15.14
CA ILE B 333 21.18 21.51 13.72
C ILE B 333 21.89 22.68 13.06
N THR B 334 21.91 23.83 13.72
CA THR B 334 22.61 24.99 13.19
C THR B 334 24.09 24.68 12.96
N GLU B 335 24.75 24.09 13.95
CA GLU B 335 26.17 23.75 13.80
C GLU B 335 26.40 22.87 12.59
N GLN B 336 25.48 21.95 12.33
CA GLN B 336 25.73 20.95 11.31
C GLN B 336 25.49 21.52 9.92
N LEU B 337 24.59 22.50 9.79
CA LEU B 337 24.30 23.04 8.47
C LEU B 337 25.30 24.11 8.07
N SER B 338 25.74 24.93 9.03
CA SER B 338 26.94 25.72 8.77
C SER B 338 28.20 24.87 8.73
N ARG B 339 28.05 23.55 8.90
CA ARG B 339 29.12 22.57 8.69
C ARG B 339 30.23 22.75 9.71
MN MN C . -9.04 5.64 -13.50
MN MN D . -9.37 9.12 -13.44
P 2BA E . -17.94 12.32 0.01
O1P 2BA E . -18.62 13.58 0.27
O2P 2BA E . -17.70 11.41 1.05
O5' 2BA E . -18.64 11.62 -1.17
C5' 2BA E . -18.76 10.23 -1.16
C4' 2BA E . -19.66 9.71 -2.26
O4' 2BA E . -20.99 9.82 -1.83
C3' 2BA E . -19.67 10.51 -3.53
O3' 2BA E . -18.76 10.07 -4.49
C2' 2BA E . -21.02 10.21 -4.09
O2' 2BA E . -20.88 8.98 -4.71
C1' 2BA E . -21.89 10.03 -2.88
N9 2BA E . -22.62 11.24 -2.52
C8 2BA E . -22.08 12.27 -1.92
N7 2BA E . -22.96 13.20 -1.68
C5 2BA E . -24.13 12.80 -2.10
C6 2BA E . -25.50 13.35 -2.14
N6 2BA E . -25.84 14.53 -1.63
N1 2BA E . -26.43 12.60 -2.69
C2 2BA E . -26.15 11.41 -3.16
N3 2BA E . -24.94 10.85 -3.17
C4 2BA E . -23.89 11.50 -2.65
P1 2BA E . -18.05 11.13 -5.39
O1P1 2BA E . -17.01 10.32 -5.99
O2P1 2BA E . -19.01 11.85 -6.21
O5'1 2BA E . -17.50 12.24 -4.45
C5'1 2BA E . -16.14 12.29 -4.17
C4'1 2BA E . -15.97 11.96 -2.71
O4'1 2BA E . -14.60 11.74 -2.46
C3'1 2BA E . -16.32 13.15 -1.87
O3'1 2BA E . -16.55 12.71 -0.55
C2'1 2BA E . -15.06 13.90 -1.80
O2'1 2BA E . -15.17 14.71 -0.65
C1'1 2BA E . -14.06 12.77 -1.67
N91 2BA E . -12.75 13.12 -2.20
C81 2BA E . -12.51 13.99 -3.17
N71 2BA E . -11.20 14.08 -3.40
C51 2BA E . -10.56 13.25 -2.58
C61 2BA E . -9.17 12.87 -2.29
N61 2BA E . -8.14 13.40 -2.95
N11 2BA E . -8.95 11.97 -1.33
C21 2BA E . -9.94 11.44 -0.64
N31 2BA E . -11.21 11.74 -0.86
C41 2BA E . -11.59 12.62 -1.78
MN MN F . 10.60 -11.66 7.25
MN MN G . 9.92 -11.72 10.79
P 2BA H . 14.53 5.29 18.16
O1P 2BA H . 14.51 5.42 19.61
O2P 2BA H . 14.24 6.49 17.41
O5' 2BA H . 15.92 4.74 17.68
C5' 2BA H . 16.40 4.89 16.38
C4' 2BA H . 17.74 4.20 16.21
O4' 2BA H . 18.77 5.03 16.71
C3' 2BA H . 17.92 2.94 17.01
O3' 2BA H . 17.56 1.80 16.32
C2' 2BA H . 19.39 2.86 17.20
O2' 2BA H . 19.92 2.31 16.02
C1' 2BA H . 19.82 4.27 17.27
N9 2BA H . 19.96 4.78 18.65
C8 2BA H . 18.98 5.09 19.46
N7 2BA H . 19.41 5.54 20.63
C5 2BA H . 20.72 5.55 20.56
C6 2BA H . 21.83 5.90 21.45
N6 2BA H . 21.62 6.38 22.68
N1 2BA H . 23.05 5.75 21.02
C2 2BA H . 23.29 5.27 19.82
N3 2BA H . 22.36 4.92 18.96
C4 2BA H . 21.08 5.02 19.27
P1 2BA H . 17.14 0.54 17.17
O1P1 2BA H . 16.90 -0.46 16.13
O2P1 2BA H . 18.04 0.30 18.30
O5'1 2BA H . 15.81 0.96 17.88
C5'1 2BA H . 14.58 0.60 17.37
C4'1 2BA H . 13.96 1.89 16.91
O4'1 2BA H . 12.72 1.55 16.34
C3'1 2BA H . 13.72 2.75 18.12
O3'1 2BA H . 13.58 4.12 17.72
C2'1 2BA H . 12.41 2.16 18.55
O2'1 2BA H . 11.76 3.08 19.41
C1'1 2BA H . 11.71 1.96 17.21
N91 2BA H . 10.60 0.98 17.17
C81 2BA H . 10.38 -0.04 17.99
N71 2BA H . 9.26 -0.70 17.65
C51 2BA H . 8.72 -0.09 16.61
C61 2BA H . 7.52 -0.26 15.76
N61 2BA H . 6.63 -1.24 15.96
N11 2BA H . 7.34 0.61 14.76
C21 2BA H . 8.20 1.60 14.56
N31 2BA H . 9.30 1.81 15.27
C41 2BA H . 9.61 1.02 16.30
#